data_8B2X
#
_entry.id   8B2X
#
_cell.length_a   1.00
_cell.length_b   1.00
_cell.length_c   1.00
_cell.angle_alpha   90.00
_cell.angle_beta   90.00
_cell.angle_gamma   90.00
#
_symmetry.space_group_name_H-M   'P 1'
#
_entity_poly.entity_id   1
_entity_poly.type   'polypeptide(L)'
_entity_poly.pdbx_seq_one_letter_code
;MDKDMHINEIVLRGCAPTPLAAYLKALGVLRLVCEQVDATAKGWWQDECFMLRTRLDDNDLRRFFIEDYRPTPMLSPWNG
GSGFYRKGNETAWSTLEKIITTQAERWRPFRDTAEVMADALEHLKLTEKPAELDKRALLARLRATLDDEFLPWLDAAVLL
TDDKPDYPPLLGTGGNDGRLDFTSNYMQRLLEMFDPVTGKAQGDVGNKLESALFARPVPGMTALAIGQFSPGAAGGPNSS
TGFDSGAQVNIWDYVLMLEGALLFAATATRRLESADPSALSYPFTVRPSGGGSGAVALGDERPARAEIWMPLWERPASLP
ELRVLLGEGRVTLNGRLPRDGLDFARAVAKLGTDRGVRAFQRYAFMMRSGKAYLATPLNRFHVHRNPKADLIDQLERGDW
LRRFRRAARSTHAPARLQGLAHRLDDALFDLVRVADPRRVQEVLKVLGEVQFYLALSPSLREQVRPVPRLDAHWVEAARD
DSHEFRVAAALAGLDDGLPMGVHLAPIDPVKRNVWAPESRLAVWGQGNLSDNLAQVLQRRLLTASRTDLNDKPLSGRCPA
DEGAVAAFLAGDADERRIAELMAGLACARLPARLPLRQRGASEASSLPMIYALLKPLFVPDAQLREAAVLTPDGCLPLPP
ALPRLLRAGPAGVGRAVDLARRRRRASGLADAGWRLTPPYPDGGRLLAALMIPVEIRVIKGFIKRLADHKSDEPATQDAS
;
_entity_poly.pdbx_strand_id   M
#
# COMPACT_ATOMS: atom_id res chain seq x y z
N GLU A 9 5.66 -13.14 -32.63
CA GLU A 9 5.44 -12.88 -31.22
C GLU A 9 5.38 -11.38 -30.94
N ILE A 10 4.27 -10.94 -30.38
CA ILE A 10 4.00 -9.52 -30.11
C ILE A 10 4.31 -9.25 -28.65
N VAL A 11 5.01 -8.15 -28.39
CA VAL A 11 5.26 -7.66 -27.04
C VAL A 11 4.23 -6.58 -26.74
N LEU A 12 3.39 -6.81 -25.73
CA LEU A 12 2.42 -5.82 -25.29
C LEU A 12 3.07 -4.98 -24.19
N ARG A 13 3.94 -4.07 -24.63
CA ARG A 13 4.74 -3.29 -23.68
C ARG A 13 3.91 -2.25 -22.94
N GLY A 14 2.67 -2.03 -23.35
CA GLY A 14 1.80 -1.13 -22.63
C GLY A 14 1.34 -1.84 -21.39
N CYS A 15 1.65 -3.13 -21.30
CA CYS A 15 1.28 -3.91 -20.13
C CYS A 15 2.50 -4.40 -19.39
N ALA A 16 2.56 -4.17 -18.09
CA ALA A 16 3.64 -4.70 -17.27
C ALA A 16 2.84 -5.55 -16.28
N PRO A 17 3.51 -6.44 -15.54
CA PRO A 17 2.78 -7.31 -14.62
C PRO A 17 1.94 -6.57 -13.59
N THR A 18 2.22 -5.29 -13.35
CA THR A 18 1.46 -4.48 -12.42
C THR A 18 0.99 -3.21 -13.11
N PRO A 19 -0.13 -2.63 -12.66
CA PRO A 19 -1.00 -3.05 -11.53
C PRO A 19 -1.88 -4.24 -11.89
N LEU A 20 -2.72 -4.68 -10.95
CA LEU A 20 -3.65 -5.77 -11.24
C LEU A 20 -4.48 -5.47 -12.48
N ALA A 21 -4.83 -4.21 -12.71
CA ALA A 21 -5.55 -3.83 -13.91
C ALA A 21 -4.80 -4.27 -15.16
N ALA A 22 -3.47 -4.08 -15.18
CA ALA A 22 -2.70 -4.48 -16.35
C ALA A 22 -2.68 -5.98 -16.54
N TYR A 23 -2.52 -6.74 -15.44
CA TYR A 23 -2.54 -8.20 -15.53
C TYR A 23 -3.88 -8.68 -16.11
N LEU A 24 -4.97 -8.14 -15.58
CA LEU A 24 -6.29 -8.49 -16.10
C LEU A 24 -6.45 -8.05 -17.55
N LYS A 25 -5.88 -6.91 -17.92
CA LYS A 25 -5.92 -6.48 -19.32
C LYS A 25 -5.22 -7.48 -20.23
N ALA A 26 -4.06 -7.96 -19.81
CA ALA A 26 -3.36 -8.98 -20.59
C ALA A 26 -4.22 -10.24 -20.73
N LEU A 27 -4.80 -10.70 -19.62
CA LEU A 27 -5.65 -11.88 -19.69
C LEU A 27 -6.84 -11.63 -20.62
N GLY A 28 -7.43 -10.44 -20.56
CA GLY A 28 -8.55 -10.14 -21.44
C GLY A 28 -8.17 -10.14 -22.90
N VAL A 29 -7.03 -9.55 -23.22
CA VAL A 29 -6.56 -9.56 -24.61
C VAL A 29 -6.40 -11.00 -25.09
N LEU A 30 -5.71 -11.82 -24.30
CA LEU A 30 -5.49 -13.21 -24.71
C LEU A 30 -6.82 -13.93 -24.87
N ARG A 31 -7.72 -13.77 -23.89
CA ARG A 31 -9.01 -14.45 -23.93
C ARG A 31 -9.79 -14.07 -25.17
N LEU A 32 -9.87 -12.77 -25.47
CA LEU A 32 -10.65 -12.34 -26.62
C LEU A 32 -10.05 -12.87 -27.92
N VAL A 33 -8.74 -12.71 -28.08
CA VAL A 33 -8.07 -13.21 -29.28
C VAL A 33 -8.36 -14.69 -29.47
N CYS A 34 -8.22 -15.47 -28.38
CA CYS A 34 -8.47 -16.90 -28.47
C CYS A 34 -9.93 -17.18 -28.83
N GLU A 35 -10.87 -16.63 -28.07
CA GLU A 35 -12.26 -17.01 -28.21
C GLU A 35 -12.82 -16.64 -29.56
N GLN A 36 -12.37 -15.54 -30.15
CA GLN A 36 -13.17 -15.01 -31.25
C GLN A 36 -12.80 -15.59 -32.61
N VAL A 37 -11.52 -15.70 -32.97
CA VAL A 37 -11.18 -16.68 -34.00
C VAL A 37 -9.90 -17.47 -33.73
N ASP A 38 -9.00 -16.90 -32.93
CA ASP A 38 -7.62 -17.42 -32.83
C ASP A 38 -7.45 -18.30 -31.59
N ALA A 39 -8.18 -19.42 -31.59
CA ALA A 39 -8.38 -20.17 -30.36
C ALA A 39 -7.08 -20.58 -29.70
N THR A 40 -6.18 -21.22 -30.45
CA THR A 40 -4.99 -21.82 -29.85
C THR A 40 -3.86 -20.81 -29.60
N ALA A 41 -4.12 -19.52 -29.72
CA ALA A 41 -3.09 -18.53 -29.44
C ALA A 41 -2.64 -18.62 -27.98
N LYS A 42 -1.44 -18.11 -27.71
CA LYS A 42 -0.77 -18.36 -26.43
C LYS A 42 -0.22 -17.06 -25.85
N GLY A 43 -0.18 -16.92 -24.53
CA GLY A 43 0.25 -15.65 -23.92
C GLY A 43 1.01 -15.69 -22.62
N TRP A 44 2.28 -15.26 -22.60
CA TRP A 44 3.20 -15.48 -21.46
C TRP A 44 4.00 -14.24 -21.03
N TRP A 45 4.48 -14.21 -19.79
CA TRP A 45 5.21 -13.02 -19.28
C TRP A 45 6.73 -12.95 -19.55
N GLN A 46 7.23 -11.79 -19.96
CA GLN A 46 8.63 -11.64 -20.34
C GLN A 46 8.93 -10.15 -20.52
N ASP A 47 10.17 -9.77 -20.18
CA ASP A 47 10.67 -8.41 -20.40
C ASP A 47 9.82 -7.37 -19.68
N GLU A 48 9.38 -7.68 -18.46
CA GLU A 48 8.51 -6.79 -17.69
C GLU A 48 7.24 -6.46 -18.47
N CYS A 49 6.77 -7.42 -19.27
CA CYS A 49 5.69 -7.19 -20.21
C CYS A 49 4.95 -8.49 -20.44
N PHE A 50 3.82 -8.40 -21.14
CA PHE A 50 3.13 -9.57 -21.62
C PHE A 50 3.54 -9.87 -23.06
N MET A 51 3.63 -11.15 -23.38
CA MET A 51 3.97 -11.64 -24.70
C MET A 51 2.76 -12.38 -25.23
N LEU A 52 2.50 -12.24 -26.53
CA LEU A 52 1.42 -12.92 -27.21
C LEU A 52 1.98 -13.64 -28.44
N ARG A 53 1.53 -14.87 -28.64
CA ARG A 53 1.88 -15.68 -29.81
C ARG A 53 0.58 -15.97 -30.56
N THR A 54 0.47 -15.44 -31.76
CA THR A 54 -0.76 -15.48 -32.54
C THR A 54 -0.42 -15.16 -33.98
N ARG A 55 -1.34 -15.49 -34.88
CA ARG A 55 -1.18 -15.12 -36.29
C ARG A 55 -1.70 -13.71 -36.57
N LEU A 56 -2.33 -13.07 -35.60
CA LEU A 56 -2.46 -11.62 -35.62
C LEU A 56 -1.08 -11.00 -35.43
N ASP A 57 -0.81 -9.92 -36.16
CA ASP A 57 0.31 -9.07 -35.86
C ASP A 57 -0.19 -7.87 -35.06
N ASP A 58 0.69 -6.89 -34.82
CA ASP A 58 0.26 -5.66 -34.17
C ASP A 58 -0.91 -5.05 -34.93
N ASN A 59 -0.80 -4.99 -36.26
CA ASN A 59 -1.85 -4.36 -37.07
C ASN A 59 -3.12 -5.20 -37.05
N ASP A 60 -3.00 -6.51 -37.20
CA ASP A 60 -4.18 -7.36 -37.12
C ASP A 60 -4.86 -7.25 -35.76
N LEU A 61 -4.06 -7.22 -34.68
CA LEU A 61 -4.61 -7.08 -33.35
C LEU A 61 -5.38 -5.76 -33.20
N ARG A 62 -4.78 -4.67 -33.67
CA ARG A 62 -5.46 -3.37 -33.57
C ARG A 62 -6.72 -3.34 -34.41
N ARG A 63 -6.67 -3.89 -35.63
CA ARG A 63 -7.87 -3.96 -36.46
C ARG A 63 -8.95 -4.80 -35.77
N PHE A 64 -8.55 -5.93 -35.19
CA PHE A 64 -9.48 -6.78 -34.45
C PHE A 64 -10.21 -5.97 -33.40
N PHE A 65 -9.47 -5.24 -32.56
CA PHE A 65 -10.12 -4.54 -31.46
C PHE A 65 -10.90 -3.31 -31.92
N ILE A 66 -10.45 -2.65 -32.99
CA ILE A 66 -11.14 -1.46 -33.46
C ILE A 66 -12.41 -1.80 -34.21
N GLU A 67 -12.37 -2.80 -35.10
CA GLU A 67 -13.42 -3.02 -36.08
C GLU A 67 -14.29 -4.25 -35.84
N ASP A 68 -13.77 -5.26 -35.16
CA ASP A 68 -14.47 -6.54 -35.02
C ASP A 68 -14.81 -6.91 -33.59
N TYR A 69 -14.01 -6.49 -32.62
CA TYR A 69 -14.11 -6.99 -31.25
C TYR A 69 -15.48 -6.79 -30.63
N ARG A 70 -16.20 -7.88 -30.40
CA ARG A 70 -17.42 -7.84 -29.59
C ARG A 70 -17.03 -7.85 -28.11
N PRO A 71 -17.42 -6.84 -27.33
CA PRO A 71 -17.21 -6.93 -25.88
C PRO A 71 -18.20 -7.91 -25.25
N THR A 72 -17.78 -8.50 -24.14
CA THR A 72 -18.69 -9.36 -23.40
C THR A 72 -19.83 -8.53 -22.83
N PRO A 73 -21.09 -8.96 -23.00
CA PRO A 73 -22.19 -8.19 -22.40
C PRO A 73 -22.17 -8.23 -20.88
N MET A 74 -21.27 -7.46 -20.28
CA MET A 74 -21.22 -7.37 -18.83
C MET A 74 -22.41 -6.57 -18.33
N LEU A 75 -23.49 -7.30 -18.01
CA LEU A 75 -24.71 -6.72 -17.45
C LEU A 75 -25.11 -7.56 -16.26
N SER A 76 -25.45 -6.90 -15.15
CA SER A 76 -25.60 -7.58 -13.87
C SER A 76 -26.88 -7.14 -13.16
N PRO A 77 -28.01 -7.78 -13.44
CA PRO A 77 -29.21 -7.52 -12.64
C PRO A 77 -29.05 -7.91 -11.18
N TRP A 78 -28.14 -8.84 -10.87
CA TRP A 78 -27.89 -9.19 -9.49
C TRP A 78 -27.35 -8.01 -8.70
N ASN A 79 -26.89 -6.97 -9.38
CA ASN A 79 -26.63 -5.67 -8.77
C ASN A 79 -27.23 -4.60 -9.68
N GLY A 80 -26.92 -3.34 -9.43
CA GLY A 80 -27.47 -2.28 -10.26
C GLY A 80 -26.78 -2.16 -11.60
N GLY A 81 -26.84 -3.23 -12.41
CA GLY A 81 -26.05 -3.26 -13.62
C GLY A 81 -26.72 -3.84 -14.86
N SER A 82 -27.97 -4.28 -14.75
CA SER A 82 -28.67 -4.80 -15.92
C SER A 82 -29.16 -3.69 -16.84
N GLY A 83 -29.24 -2.45 -16.35
CA GLY A 83 -29.90 -1.39 -17.06
C GLY A 83 -31.29 -1.09 -16.55
N PHE A 84 -31.79 -1.85 -15.57
CA PHE A 84 -33.17 -1.75 -15.10
C PHE A 84 -33.14 -1.84 -13.57
N TYR A 85 -33.01 -0.68 -12.93
CA TYR A 85 -32.92 -0.64 -11.47
C TYR A 85 -33.50 0.68 -10.97
N ARG A 86 -34.06 0.62 -9.76
CA ARG A 86 -34.76 1.78 -9.21
C ARG A 86 -33.78 2.89 -8.85
N LYS A 87 -32.70 2.55 -8.14
CA LYS A 87 -31.72 3.55 -7.70
C LYS A 87 -30.65 3.70 -8.77
N GLY A 88 -30.56 4.91 -9.35
CA GLY A 88 -29.66 5.13 -10.45
C GLY A 88 -29.76 6.57 -10.93
N ASN A 89 -29.11 6.84 -12.06
CA ASN A 89 -29.02 8.19 -12.59
C ASN A 89 -29.13 8.16 -14.11
N GLU A 90 -29.30 9.35 -14.69
CA GLU A 90 -29.78 9.47 -16.07
C GLU A 90 -28.76 8.99 -17.09
N THR A 91 -27.48 9.28 -16.89
CA THR A 91 -26.47 8.92 -17.88
C THR A 91 -26.49 7.42 -18.15
N ALA A 92 -26.64 6.61 -17.10
CA ALA A 92 -26.69 5.17 -17.28
C ALA A 92 -27.87 4.76 -18.16
N TRP A 93 -29.04 5.37 -17.93
CA TRP A 93 -30.19 5.05 -18.75
C TRP A 93 -29.95 5.45 -20.21
N SER A 94 -29.45 6.65 -20.44
CA SER A 94 -29.14 7.06 -21.81
C SER A 94 -28.21 6.06 -22.48
N THR A 95 -27.16 5.66 -21.77
CA THR A 95 -26.22 4.67 -22.29
C THR A 95 -26.94 3.37 -22.66
N LEU A 96 -27.72 2.82 -21.72
CA LEU A 96 -28.38 1.55 -21.96
C LEU A 96 -29.38 1.65 -23.11
N GLU A 97 -30.12 2.76 -23.18
CA GLU A 97 -31.05 2.95 -24.29
C GLU A 97 -30.32 2.98 -25.62
N LYS A 98 -29.20 3.70 -25.69
CA LYS A 98 -28.43 3.76 -26.92
C LYS A 98 -27.95 2.37 -27.32
N ILE A 99 -27.53 1.56 -26.34
CA ILE A 99 -27.05 0.22 -26.66
C ILE A 99 -28.21 -0.68 -27.09
N ILE A 100 -29.34 -0.59 -26.40
CA ILE A 100 -30.50 -1.41 -26.77
C ILE A 100 -31.05 -0.98 -28.13
N THR A 101 -31.05 0.32 -28.40
CA THR A 101 -31.48 0.82 -29.70
C THR A 101 -30.45 0.61 -30.79
N THR A 102 -29.39 -0.14 -30.51
CA THR A 102 -28.51 -0.59 -31.57
C THR A 102 -29.21 -1.63 -32.44
N GLN A 103 -28.64 -1.86 -33.62
CA GLN A 103 -28.85 -3.10 -34.34
C GLN A 103 -27.55 -3.61 -34.95
N ALA A 104 -26.43 -2.93 -34.69
CA ALA A 104 -25.12 -3.41 -35.10
C ALA A 104 -24.92 -4.87 -34.70
N GLU A 105 -24.15 -5.58 -35.52
CA GLU A 105 -23.81 -6.96 -35.19
C GLU A 105 -22.98 -7.02 -33.91
N ARG A 106 -22.05 -6.08 -33.73
CA ARG A 106 -21.22 -6.07 -32.54
C ARG A 106 -22.03 -5.89 -31.27
N TRP A 107 -23.16 -5.18 -31.36
CA TRP A 107 -23.98 -4.88 -30.19
C TRP A 107 -25.11 -5.89 -29.95
N ARG A 108 -25.31 -6.84 -30.86
CA ARG A 108 -26.39 -7.81 -30.70
C ARG A 108 -26.37 -8.54 -29.37
N PRO A 109 -25.23 -9.05 -28.90
CA PRO A 109 -25.23 -9.73 -27.58
C PRO A 109 -25.70 -8.82 -26.46
N PHE A 110 -25.32 -7.55 -26.49
CA PHE A 110 -25.74 -6.62 -25.44
C PHE A 110 -27.26 -6.47 -25.43
N ARG A 111 -27.85 -6.28 -26.62
CA ARG A 111 -29.30 -6.15 -26.71
C ARG A 111 -29.99 -7.38 -26.12
N ASP A 112 -29.59 -8.57 -26.59
CA ASP A 112 -30.23 -9.79 -26.10
C ASP A 112 -30.09 -9.92 -24.59
N THR A 113 -28.87 -9.72 -24.07
CA THR A 113 -28.63 -9.88 -22.65
C THR A 113 -29.45 -8.88 -21.84
N ALA A 114 -29.49 -7.62 -22.27
CA ALA A 114 -30.23 -6.62 -21.52
C ALA A 114 -31.72 -6.95 -21.50
N GLU A 115 -32.28 -7.36 -22.65
CA GLU A 115 -33.68 -7.75 -22.68
C GLU A 115 -33.95 -8.88 -21.69
N VAL A 116 -33.12 -9.92 -21.71
CA VAL A 116 -33.35 -11.08 -20.84
C VAL A 116 -33.29 -10.66 -19.38
N MET A 117 -32.29 -9.86 -19.02
CA MET A 117 -32.13 -9.47 -17.62
C MET A 117 -33.27 -8.56 -17.17
N ALA A 118 -33.74 -7.67 -18.05
CA ALA A 118 -34.91 -6.86 -17.73
C ALA A 118 -36.11 -7.75 -17.45
N ASP A 119 -36.32 -8.77 -18.28
CA ASP A 119 -37.46 -9.65 -18.08
C ASP A 119 -37.36 -10.38 -16.74
N ALA A 120 -36.16 -10.88 -16.40
CA ALA A 120 -35.99 -11.55 -15.11
C ALA A 120 -36.29 -10.62 -13.95
N LEU A 121 -35.74 -9.40 -14.00
CA LEU A 121 -35.98 -8.44 -12.92
C LEU A 121 -37.47 -8.15 -12.80
N GLU A 122 -38.15 -7.93 -13.91
CA GLU A 122 -39.60 -7.74 -13.85
C GLU A 122 -40.26 -8.93 -13.17
N HIS A 123 -39.82 -10.14 -13.52
CA HIS A 123 -40.39 -11.34 -12.89
C HIS A 123 -40.17 -11.33 -11.39
N LEU A 124 -39.16 -10.59 -10.91
CA LEU A 124 -39.00 -10.48 -9.46
C LEU A 124 -40.09 -9.63 -8.81
N LYS A 125 -40.61 -8.61 -9.51
CA LYS A 125 -41.68 -7.75 -8.99
C LYS A 125 -41.26 -7.05 -7.70
N LEU A 126 -40.30 -6.13 -7.86
CA LEU A 126 -39.66 -5.47 -6.74
C LEU A 126 -40.24 -4.08 -6.49
N THR A 127 -39.96 -3.56 -5.29
CA THR A 127 -40.20 -2.15 -5.02
C THR A 127 -39.04 -1.30 -5.51
N GLU A 128 -37.83 -1.57 -4.98
CA GLU A 128 -36.62 -0.90 -5.44
C GLU A 128 -35.50 -1.86 -5.78
N LYS A 129 -35.32 -2.93 -5.02
CA LYS A 129 -34.19 -3.83 -5.20
C LYS A 129 -34.52 -5.19 -4.60
N PRO A 130 -33.84 -6.25 -5.03
CA PRO A 130 -34.06 -7.58 -4.47
C PRO A 130 -33.11 -7.90 -3.32
N ALA A 131 -33.56 -8.84 -2.48
CA ALA A 131 -32.83 -9.24 -1.29
C ALA A 131 -31.84 -10.37 -1.59
N GLU A 132 -31.15 -10.83 -0.55
CA GLU A 132 -30.12 -11.86 -0.73
C GLU A 132 -30.73 -13.17 -1.23
N LEU A 133 -31.78 -13.65 -0.57
CA LEU A 133 -32.46 -14.85 -1.05
C LEU A 133 -32.98 -14.62 -2.47
N ASP A 134 -33.61 -13.46 -2.68
CA ASP A 134 -34.07 -13.11 -4.02
C ASP A 134 -32.89 -12.94 -4.96
N LYS A 135 -31.74 -12.52 -4.44
CA LYS A 135 -30.55 -12.41 -5.28
C LYS A 135 -30.13 -13.79 -5.79
N ARG A 136 -30.13 -14.81 -4.91
CA ARG A 136 -29.79 -16.16 -5.35
C ARG A 136 -30.81 -16.66 -6.36
N ALA A 137 -32.10 -16.39 -6.12
CA ALA A 137 -33.13 -16.84 -7.07
C ALA A 137 -32.92 -16.17 -8.43
N LEU A 138 -32.63 -14.86 -8.43
CA LEU A 138 -32.38 -14.14 -9.67
C LEU A 138 -31.17 -14.70 -10.40
N LEU A 139 -30.10 -15.01 -9.66
CA LEU A 139 -28.93 -15.60 -10.28
C LEU A 139 -29.25 -16.93 -10.92
N ALA A 140 -30.02 -17.76 -10.23
CA ALA A 140 -30.41 -19.05 -10.80
C ALA A 140 -31.21 -18.86 -12.09
N ARG A 141 -32.18 -17.95 -12.07
CA ARG A 141 -32.99 -17.71 -13.26
C ARG A 141 -32.13 -17.23 -14.42
N LEU A 142 -31.23 -16.28 -14.16
CA LEU A 142 -30.36 -15.77 -15.22
C LEU A 142 -29.50 -16.88 -15.78
N ARG A 143 -28.90 -17.69 -14.90
CA ARG A 143 -28.14 -18.84 -15.36
C ARG A 143 -28.99 -19.73 -16.26
N ALA A 144 -30.27 -19.89 -15.92
CA ALA A 144 -31.16 -20.74 -16.71
C ALA A 144 -31.66 -20.07 -17.98
N THR A 145 -31.45 -18.76 -18.16
CA THR A 145 -31.95 -18.06 -19.32
C THR A 145 -30.88 -17.38 -20.17
N LEU A 146 -29.66 -17.22 -19.67
CA LEU A 146 -28.59 -16.60 -20.45
C LEU A 146 -28.03 -17.63 -21.44
N ASP A 147 -26.94 -17.27 -22.12
CA ASP A 147 -26.34 -18.09 -23.16
C ASP A 147 -24.84 -18.19 -22.92
N ASP A 148 -24.17 -18.97 -23.77
CA ASP A 148 -22.81 -19.40 -23.46
C ASP A 148 -21.85 -18.22 -23.27
N GLU A 149 -21.92 -17.21 -24.14
CA GLU A 149 -20.92 -16.15 -24.08
C GLU A 149 -21.12 -15.22 -22.89
N PHE A 150 -22.30 -15.24 -22.26
CA PHE A 150 -22.55 -14.38 -21.11
C PHE A 150 -22.10 -15.02 -19.80
N LEU A 151 -22.28 -16.34 -19.69
CA LEU A 151 -22.13 -17.00 -18.40
C LEU A 151 -20.76 -16.83 -17.74
N PRO A 152 -19.67 -16.61 -18.48
CA PRO A 152 -18.40 -16.32 -17.76
C PRO A 152 -18.49 -15.09 -16.88
N TRP A 153 -19.18 -14.04 -17.33
CA TRP A 153 -19.36 -12.85 -16.49
C TRP A 153 -20.18 -13.17 -15.26
N LEU A 154 -21.24 -13.96 -15.41
CA LEU A 154 -22.04 -14.39 -14.28
C LEU A 154 -21.20 -15.18 -13.27
N ASP A 155 -20.42 -16.13 -13.77
CA ASP A 155 -19.60 -16.96 -12.88
C ASP A 155 -18.56 -16.13 -12.17
N ALA A 156 -17.94 -15.18 -12.86
CA ALA A 156 -16.94 -14.33 -12.22
C ALA A 156 -17.56 -13.42 -11.17
N ALA A 157 -18.72 -12.83 -11.49
CA ALA A 157 -19.26 -11.77 -10.63
C ALA A 157 -19.93 -12.31 -9.37
N VAL A 158 -20.63 -13.45 -9.47
CA VAL A 158 -21.55 -13.89 -8.42
C VAL A 158 -21.45 -15.40 -8.26
N LEU A 159 -22.10 -15.89 -7.19
CA LEU A 159 -22.07 -17.30 -6.82
C LEU A 159 -23.47 -17.79 -6.51
N LEU A 160 -23.66 -19.10 -6.67
CA LEU A 160 -24.84 -19.80 -6.18
C LEU A 160 -24.38 -20.76 -5.07
N THR A 161 -24.98 -20.63 -3.89
CA THR A 161 -24.49 -21.30 -2.69
C THR A 161 -25.64 -21.98 -1.96
N ASP A 162 -25.28 -22.76 -0.95
CA ASP A 162 -26.26 -23.56 -0.22
C ASP A 162 -26.97 -22.76 0.86
N ASP A 163 -26.24 -21.97 1.64
CA ASP A 163 -26.79 -21.31 2.82
C ASP A 163 -26.91 -19.80 2.67
N LYS A 164 -25.85 -19.11 2.24
CA LYS A 164 -25.87 -17.67 2.19
C LYS A 164 -24.99 -17.19 1.03
N PRO A 165 -25.29 -16.04 0.44
CA PRO A 165 -24.42 -15.48 -0.60
C PRO A 165 -23.15 -14.86 -0.01
N ASP A 166 -22.14 -14.76 -0.87
CA ASP A 166 -20.92 -14.01 -0.58
C ASP A 166 -20.36 -13.53 -1.90
N TYR A 167 -19.67 -12.38 -1.85
CA TYR A 167 -19.32 -11.66 -3.06
C TYR A 167 -17.85 -11.87 -3.40
N PRO A 168 -17.50 -12.34 -4.59
CA PRO A 168 -16.09 -12.54 -4.93
C PRO A 168 -15.32 -11.23 -4.89
N PRO A 169 -14.11 -11.22 -4.33
CA PRO A 169 -13.41 -9.94 -4.12
C PRO A 169 -12.97 -9.25 -5.40
N LEU A 170 -12.63 -9.99 -6.45
CA LEU A 170 -12.08 -9.36 -7.65
C LEU A 170 -13.04 -8.34 -8.24
N LEU A 171 -14.35 -8.56 -8.11
CA LEU A 171 -15.36 -7.66 -8.66
C LEU A 171 -16.19 -7.01 -7.56
N GLY A 172 -15.60 -6.82 -6.39
CA GLY A 172 -16.29 -6.09 -5.33
C GLY A 172 -17.45 -6.88 -4.75
N THR A 173 -18.58 -6.22 -4.60
CA THR A 173 -19.78 -6.82 -4.02
C THR A 173 -20.57 -7.65 -5.04
N GLY A 174 -19.93 -8.10 -6.11
CA GLY A 174 -20.60 -8.91 -7.11
C GLY A 174 -20.61 -8.25 -8.48
N GLY A 175 -19.56 -7.49 -8.79
CA GLY A 175 -19.57 -6.61 -9.92
C GLY A 175 -20.04 -5.22 -9.58
N ASN A 176 -20.04 -4.86 -8.30
CA ASN A 176 -20.77 -3.71 -7.80
C ASN A 176 -20.00 -3.11 -6.63
N ASP A 177 -20.13 -1.79 -6.47
CA ASP A 177 -19.50 -1.07 -5.37
C ASP A 177 -20.53 -0.15 -4.74
N GLY A 178 -20.65 -0.20 -3.42
CA GLY A 178 -21.68 0.57 -2.76
C GLY A 178 -23.05 0.12 -3.24
N ARG A 179 -23.79 1.03 -3.87
CA ARG A 179 -25.10 0.74 -4.41
C ARG A 179 -25.14 0.87 -5.93
N LEU A 180 -24.00 0.81 -6.60
CA LEU A 180 -23.94 0.96 -8.05
C LEU A 180 -22.88 0.01 -8.61
N ASP A 181 -22.94 -0.20 -9.93
CA ASP A 181 -22.32 -1.34 -10.57
C ASP A 181 -21.33 -0.91 -11.66
N PHE A 182 -20.38 -1.82 -11.93
CA PHE A 182 -19.34 -1.56 -12.94
C PHE A 182 -19.86 -1.64 -14.37
N THR A 183 -21.01 -2.30 -14.57
CA THR A 183 -21.49 -2.54 -15.94
C THR A 183 -21.85 -1.24 -16.64
N SER A 184 -22.47 -0.30 -15.93
CA SER A 184 -22.82 0.97 -16.56
C SER A 184 -21.57 1.70 -17.05
N ASN A 185 -20.53 1.75 -16.22
CA ASN A 185 -19.26 2.35 -16.63
C ASN A 185 -18.69 1.61 -17.83
N TYR A 186 -18.73 0.28 -17.81
CA TYR A 186 -18.24 -0.51 -18.93
C TYR A 186 -18.96 -0.12 -20.23
N MET A 187 -20.29 -0.02 -20.17
CA MET A 187 -21.07 0.37 -21.34
C MET A 187 -20.70 1.78 -21.80
N GLN A 188 -20.57 2.72 -20.87
CA GLN A 188 -20.25 4.09 -21.25
C GLN A 188 -18.89 4.16 -21.94
N ARG A 189 -17.90 3.46 -21.38
CA ARG A 189 -16.59 3.41 -22.02
C ARG A 189 -16.69 2.82 -23.42
N LEU A 190 -17.42 1.71 -23.56
CA LEU A 190 -17.60 1.10 -24.88
C LEU A 190 -18.17 2.10 -25.88
N LEU A 191 -19.24 2.80 -25.49
CA LEU A 191 -19.85 3.76 -26.41
C LEU A 191 -18.90 4.90 -26.74
N GLU A 192 -18.12 5.37 -25.77
CA GLU A 192 -17.07 6.34 -26.07
C GLU A 192 -16.07 5.79 -27.08
N MET A 193 -15.97 4.47 -27.19
CA MET A 193 -15.06 3.84 -28.14
C MET A 193 -15.81 3.32 -29.35
N GLY A 227 -14.35 3.41 -8.88
CA GLY A 227 -14.76 2.52 -7.81
C GLY A 227 -13.59 1.83 -7.13
N GLN A 228 -13.07 0.79 -7.77
CA GLN A 228 -12.04 -0.07 -7.17
C GLN A 228 -11.00 -0.49 -8.20
N PHE A 229 -10.76 0.35 -9.21
CA PHE A 229 -10.22 -0.15 -10.47
C PHE A 229 -8.70 -0.15 -10.52
N SER A 230 -8.04 0.94 -10.13
CA SER A 230 -6.58 0.95 -10.22
C SER A 230 -5.96 2.00 -9.30
N PRO A 231 -5.00 1.63 -8.44
CA PRO A 231 -4.27 2.65 -7.68
C PRO A 231 -3.19 3.35 -8.48
N GLY A 232 -2.72 2.75 -9.59
CA GLY A 232 -1.76 3.43 -10.43
C GLY A 232 -2.32 4.69 -11.05
N ALA A 233 -3.64 4.75 -11.24
CA ALA A 233 -4.33 5.94 -11.73
C ALA A 233 -4.94 6.76 -10.61
N ALA A 234 -5.55 6.12 -9.62
CA ALA A 234 -6.34 6.80 -8.60
C ALA A 234 -6.07 6.20 -7.22
N GLY A 235 -4.80 5.96 -6.91
CA GLY A 235 -4.44 5.38 -5.64
C GLY A 235 -4.49 6.36 -4.49
N GLY A 236 -4.38 5.83 -3.28
CA GLY A 236 -4.27 6.65 -2.09
C GLY A 236 -2.91 7.32 -2.05
N PRO A 237 -2.78 8.41 -1.29
CA PRO A 237 -1.52 9.16 -1.31
C PRO A 237 -0.31 8.27 -1.02
N ASN A 238 0.50 8.04 -2.05
CA ASN A 238 1.67 7.17 -1.93
C ASN A 238 2.91 7.70 -2.64
N SER A 239 2.80 8.73 -3.47
CA SER A 239 3.90 9.17 -4.33
C SER A 239 3.92 10.69 -4.38
N SER A 240 4.89 11.22 -5.12
CA SER A 240 5.04 12.66 -5.24
C SER A 240 3.82 13.27 -5.93
N THR A 241 3.55 14.53 -5.61
CA THR A 241 2.30 15.18 -5.97
C THR A 241 2.42 15.88 -7.33
N GLY A 242 1.26 16.31 -7.85
CA GLY A 242 1.22 17.04 -9.11
C GLY A 242 0.19 16.55 -10.11
N PHE A 243 -0.78 15.75 -9.69
CA PHE A 243 -1.72 15.12 -10.60
C PHE A 243 -3.15 15.44 -10.21
N ASP A 244 -4.03 15.47 -11.22
CA ASP A 244 -5.45 15.70 -11.02
C ASP A 244 -6.19 15.22 -12.26
N SER A 245 -7.46 14.85 -12.08
CA SER A 245 -8.30 14.43 -13.19
C SER A 245 -9.74 14.33 -12.72
N GLY A 246 -10.65 14.24 -13.69
CA GLY A 246 -12.05 13.99 -13.39
C GLY A 246 -12.35 12.51 -13.31
N ALA A 247 -11.66 11.81 -12.42
CA ALA A 247 -11.81 10.36 -12.28
C ALA A 247 -11.57 9.66 -13.61
N GLN A 248 -10.54 10.09 -14.33
CA GLN A 248 -10.23 9.53 -15.64
C GLN A 248 -9.49 8.21 -15.51
N VAL A 249 -9.68 7.36 -16.52
CA VAL A 249 -8.96 6.09 -16.62
C VAL A 249 -8.75 5.79 -18.09
N ASN A 250 -7.64 5.12 -18.40
CA ASN A 250 -7.42 4.63 -19.75
C ASN A 250 -8.55 3.68 -20.11
N ILE A 251 -9.39 4.08 -21.08
CA ILE A 251 -10.64 3.37 -21.31
C ILE A 251 -10.38 1.95 -21.79
N TRP A 252 -9.42 1.77 -22.70
CA TRP A 252 -9.08 0.41 -23.13
C TRP A 252 -8.57 -0.42 -21.97
N ASP A 253 -7.79 0.19 -21.07
CA ASP A 253 -7.32 -0.54 -19.89
C ASP A 253 -8.50 -1.06 -19.08
N TYR A 254 -9.49 -0.22 -18.80
CA TYR A 254 -10.64 -0.63 -18.02
C TYR A 254 -11.39 -1.77 -18.73
N VAL A 255 -11.68 -1.58 -20.02
CA VAL A 255 -12.48 -2.56 -20.75
C VAL A 255 -11.77 -3.91 -20.77
N LEU A 256 -10.48 -3.91 -21.16
CA LEU A 256 -9.74 -5.15 -21.24
C LEU A 256 -9.52 -5.78 -19.86
N MET A 257 -9.41 -4.95 -18.82
CA MET A 257 -9.29 -5.48 -17.46
C MET A 257 -10.54 -6.26 -17.08
N LEU A 258 -11.72 -5.66 -17.29
CA LEU A 258 -12.95 -6.38 -17.00
C LEU A 258 -13.10 -7.61 -17.89
N GLU A 259 -12.63 -7.53 -19.14
CA GLU A 259 -12.69 -8.69 -20.02
C GLU A 259 -11.83 -9.83 -19.51
N GLY A 260 -10.66 -9.51 -18.96
CA GLY A 260 -9.76 -10.53 -18.45
C GLY A 260 -10.19 -11.08 -17.11
N ALA A 261 -10.89 -10.28 -16.31
CA ALA A 261 -11.37 -10.77 -15.02
C ALA A 261 -12.27 -11.99 -15.15
N LEU A 262 -12.86 -12.21 -16.32
CA LEU A 262 -13.81 -13.30 -16.50
C LEU A 262 -13.14 -14.68 -16.50
N LEU A 263 -11.82 -14.76 -16.59
CA LEU A 263 -11.15 -16.05 -16.58
C LEU A 263 -11.18 -16.72 -15.20
N PHE A 264 -11.60 -16.02 -14.17
CA PHE A 264 -11.71 -16.59 -12.82
C PHE A 264 -13.11 -17.20 -12.71
N ALA A 265 -13.15 -18.53 -12.57
CA ALA A 265 -14.28 -19.34 -13.01
C ALA A 265 -15.15 -19.82 -11.85
N ALA A 266 -16.11 -20.68 -12.19
CA ALA A 266 -17.19 -21.08 -11.28
C ALA A 266 -16.73 -22.00 -10.16
N THR A 267 -15.50 -22.52 -10.19
CA THR A 267 -15.03 -23.46 -9.18
C THR A 267 -14.60 -22.75 -7.89
N ALA A 268 -15.01 -21.50 -7.69
CA ALA A 268 -14.75 -20.78 -6.43
C ALA A 268 -15.74 -21.28 -5.38
N THR A 269 -15.44 -22.47 -4.85
CA THR A 269 -16.34 -23.17 -3.94
C THR A 269 -15.91 -22.96 -2.49
N ARG A 270 -16.79 -23.39 -1.59
CA ARG A 270 -16.51 -23.29 -0.16
C ARG A 270 -15.47 -24.32 0.26
N ARG A 271 -14.77 -24.02 1.34
CA ARG A 271 -13.83 -24.95 1.95
C ARG A 271 -14.64 -25.88 2.85
N LEU A 272 -15.02 -27.04 2.34
CA LEU A 272 -15.87 -27.92 3.14
C LEU A 272 -15.04 -28.34 4.32
N GLU A 273 -15.11 -27.54 5.38
CA GLU A 273 -14.29 -27.78 6.55
C GLU A 273 -15.14 -27.57 7.78
N SER A 274 -14.76 -28.18 8.89
CA SER A 274 -15.49 -28.01 10.14
C SER A 274 -16.95 -28.44 10.00
N ALA A 275 -17.92 -27.63 10.41
CA ALA A 275 -19.32 -28.06 10.39
C ALA A 275 -20.40 -26.99 10.29
N ASP A 276 -20.06 -25.74 10.01
CA ASP A 276 -21.09 -24.73 9.80
C ASP A 276 -20.69 -23.86 8.63
N PRO A 277 -21.63 -23.11 8.05
CA PRO A 277 -21.31 -22.28 6.89
C PRO A 277 -20.07 -21.43 7.13
N SER A 278 -19.18 -21.40 6.13
CA SER A 278 -17.82 -20.93 6.35
C SER A 278 -17.23 -20.47 5.01
N ALA A 279 -15.90 -20.35 4.96
CA ALA A 279 -15.21 -19.56 3.96
C ALA A 279 -15.63 -19.91 2.53
N LEU A 280 -15.81 -18.86 1.73
CA LEU A 280 -15.97 -18.93 0.28
C LEU A 280 -14.94 -18.00 -0.35
N SER A 281 -14.34 -18.43 -1.47
CA SER A 281 -13.34 -17.59 -2.12
C SER A 281 -13.05 -18.09 -3.52
N TYR A 282 -12.43 -17.20 -4.32
CA TYR A 282 -11.80 -17.55 -5.59
C TYR A 282 -10.64 -18.50 -5.33
N PRO A 283 -10.05 -19.07 -6.38
CA PRO A 283 -8.73 -19.69 -6.21
C PRO A 283 -7.64 -18.65 -5.99
N PHE A 284 -6.51 -19.06 -5.42
CA PHE A 284 -5.43 -18.11 -5.09
C PHE A 284 -5.85 -17.04 -4.09
N THR A 285 -6.86 -17.29 -3.27
CA THR A 285 -7.36 -16.23 -2.38
C THR A 285 -7.16 -16.46 -0.89
N VAL A 286 -6.56 -15.48 -0.22
CA VAL A 286 -6.30 -15.56 1.22
C VAL A 286 -6.27 -14.12 1.68
N ARG A 287 -6.55 -13.78 2.94
CA ARG A 287 -6.45 -12.36 3.36
C ARG A 287 -5.00 -11.81 3.38
N PRO A 288 -4.79 -10.52 3.04
CA PRO A 288 -3.42 -9.93 2.99
C PRO A 288 -2.67 -9.63 4.30
N SER A 289 -1.33 -9.68 4.28
CA SER A 289 -0.50 -9.28 5.44
C SER A 289 0.39 -8.17 4.90
N GLY A 290 0.80 -7.19 5.72
CA GLY A 290 1.49 -6.04 5.16
C GLY A 290 3.00 -6.16 5.06
N GLY A 291 3.53 -7.37 4.93
CA GLY A 291 4.95 -7.53 4.71
C GLY A 291 5.40 -6.90 3.40
N GLY A 292 6.36 -5.98 3.47
CA GLY A 292 6.85 -5.32 2.28
C GLY A 292 5.92 -4.27 1.71
N SER A 293 4.86 -3.91 2.43
CA SER A 293 3.89 -2.96 1.87
C SER A 293 4.48 -1.55 1.81
N GLY A 294 4.96 -1.05 2.94
CA GLY A 294 5.68 0.21 2.96
C GLY A 294 4.80 1.43 2.85
N ALA A 295 4.26 1.68 1.66
CA ALA A 295 3.37 2.81 1.42
C ALA A 295 1.92 2.40 1.72
N VAL A 296 1.72 1.95 2.95
CA VAL A 296 0.44 1.41 3.39
C VAL A 296 0.32 1.61 4.89
N ALA A 297 -0.92 1.77 5.36
CA ALA A 297 -1.21 2.04 6.76
C ALA A 297 -2.10 0.96 7.34
N LEU A 298 -1.96 0.73 8.65
CA LEU A 298 -2.69 -0.34 9.31
C LEU A 298 -4.20 -0.08 9.30
N GLY A 299 -4.62 1.19 9.27
CA GLY A 299 -6.03 1.47 9.13
C GLY A 299 -6.62 0.92 7.86
N ASP A 300 -5.77 0.60 6.87
CA ASP A 300 -6.19 -0.05 5.64
C ASP A 300 -5.95 -1.55 5.65
N GLU A 301 -4.94 -2.02 6.39
CA GLU A 301 -4.68 -3.45 6.47
C GLU A 301 -5.78 -4.17 7.25
N ARG A 302 -6.18 -3.62 8.40
CA ARG A 302 -7.19 -4.28 9.23
C ARG A 302 -8.45 -4.63 8.46
N PRO A 303 -9.07 -3.75 7.69
CA PRO A 303 -10.28 -4.09 6.94
C PRO A 303 -10.04 -4.72 5.58
N ALA A 304 -8.80 -5.08 5.23
CA ALA A 304 -8.50 -5.53 3.88
C ALA A 304 -9.45 -6.65 3.46
N ARG A 305 -10.08 -6.45 2.30
CA ARG A 305 -11.14 -7.36 1.87
C ARG A 305 -10.58 -8.75 1.56
N ALA A 306 -9.51 -8.82 0.76
CA ALA A 306 -8.92 -10.10 0.41
C ALA A 306 -7.55 -9.85 -0.22
N GLU A 307 -6.79 -10.93 -0.33
CA GLU A 307 -5.51 -10.94 -1.04
C GLU A 307 -5.56 -12.02 -2.10
N ILE A 308 -5.14 -11.68 -3.31
CA ILE A 308 -5.18 -12.58 -4.45
C ILE A 308 -3.78 -12.67 -5.04
N TRP A 309 -3.33 -13.89 -5.31
CA TRP A 309 -2.00 -14.15 -5.83
C TRP A 309 -2.11 -14.49 -7.31
N MET A 310 -1.52 -13.67 -8.17
CA MET A 310 -1.68 -13.82 -9.61
C MET A 310 -0.48 -14.54 -10.19
N PRO A 311 -0.66 -15.74 -10.76
CA PRO A 311 0.50 -16.48 -11.27
C PRO A 311 1.15 -15.81 -12.47
N LEU A 312 2.46 -15.98 -12.55
CA LEU A 312 3.27 -15.55 -13.69
C LEU A 312 3.99 -16.79 -14.22
N TRP A 313 4.08 -16.92 -15.55
CA TRP A 313 4.56 -18.16 -16.15
C TRP A 313 5.50 -17.84 -17.30
N GLU A 314 6.28 -18.86 -17.68
CA GLU A 314 7.52 -18.66 -18.43
C GLU A 314 7.41 -18.90 -19.93
N ARG A 315 6.35 -19.56 -20.40
CA ARG A 315 6.25 -19.91 -21.81
C ARG A 315 4.84 -19.63 -22.31
N PRO A 316 4.68 -19.41 -23.61
CA PRO A 316 3.33 -19.15 -24.16
C PRO A 316 2.35 -20.22 -23.73
N ALA A 317 1.19 -19.79 -23.24
CA ALA A 317 0.16 -20.69 -22.72
C ALA A 317 -1.17 -20.38 -23.40
N SER A 318 -1.85 -21.43 -23.85
CA SER A 318 -3.14 -21.26 -24.53
C SER A 318 -4.26 -21.13 -23.50
N LEU A 319 -5.42 -20.68 -23.99
CA LEU A 319 -6.51 -20.30 -23.10
C LEU A 319 -7.03 -21.44 -22.23
N PRO A 320 -7.30 -22.64 -22.76
CA PRO A 320 -7.85 -23.69 -21.90
C PRO A 320 -6.97 -24.05 -20.72
N GLU A 321 -5.65 -24.09 -20.92
CA GLU A 321 -4.75 -24.35 -19.80
C GLU A 321 -4.85 -23.25 -18.76
N LEU A 322 -5.00 -22.00 -19.20
CA LEU A 322 -5.18 -20.90 -18.26
C LEU A 322 -6.51 -21.02 -17.53
N ARG A 323 -7.55 -21.49 -18.21
CA ARG A 323 -8.82 -21.71 -17.53
C ARG A 323 -8.68 -22.76 -16.43
N VAL A 324 -7.98 -23.86 -16.73
CA VAL A 324 -7.72 -24.87 -15.70
C VAL A 324 -6.96 -24.25 -14.54
N LEU A 325 -5.87 -23.55 -14.85
CA LEU A 325 -5.01 -22.98 -13.82
C LEU A 325 -5.77 -22.02 -12.92
N LEU A 326 -6.47 -21.06 -13.51
CA LEU A 326 -7.19 -20.04 -12.75
C LEU A 326 -8.50 -20.56 -12.17
N GLY A 327 -8.98 -21.72 -12.60
CA GLY A 327 -10.16 -22.32 -12.02
C GLY A 327 -9.86 -23.16 -10.80
N GLU A 328 -8.72 -23.85 -10.81
CA GLU A 328 -8.40 -24.71 -9.67
C GLU A 328 -7.69 -23.95 -8.55
N GLY A 329 -6.48 -23.45 -8.81
CA GLY A 329 -5.78 -22.61 -7.86
C GLY A 329 -5.97 -23.08 -6.43
N ARG A 330 -5.46 -24.27 -6.12
CA ARG A 330 -5.97 -25.09 -5.03
C ARG A 330 -5.30 -24.82 -3.69
N VAL A 331 -4.87 -23.60 -3.41
CA VAL A 331 -4.19 -23.36 -2.14
C VAL A 331 -5.25 -23.09 -1.08
N THR A 332 -5.86 -24.18 -0.56
CA THR A 332 -6.93 -24.04 0.42
C THR A 332 -6.98 -25.16 1.46
N LEU A 333 -5.97 -26.02 1.57
CA LEU A 333 -6.13 -27.36 2.13
C LEU A 333 -5.61 -27.48 3.57
N ASN A 334 -5.76 -28.71 4.09
CA ASN A 334 -4.94 -29.25 5.19
C ASN A 334 -5.32 -28.71 6.58
N GLY A 335 -6.60 -28.51 6.84
CA GLY A 335 -7.11 -28.50 8.21
C GLY A 335 -6.72 -27.31 9.05
N ARG A 336 -5.57 -26.71 8.75
CA ARG A 336 -5.17 -25.41 9.28
C ARG A 336 -5.06 -24.54 8.03
N LEU A 337 -6.20 -24.02 7.60
CA LEU A 337 -6.33 -23.58 6.23
C LEU A 337 -5.52 -22.32 5.97
N PRO A 338 -5.01 -22.14 4.75
CA PRO A 338 -4.33 -20.89 4.41
C PRO A 338 -5.31 -19.73 4.31
N ARG A 339 -5.78 -19.26 5.46
CA ARG A 339 -6.75 -18.18 5.49
C ARG A 339 -6.16 -16.87 4.97
N ASP A 340 -4.85 -16.67 5.17
CA ASP A 340 -4.20 -15.41 4.86
C ASP A 340 -2.95 -15.65 4.02
N GLY A 341 -2.27 -14.56 3.67
CA GLY A 341 -1.21 -14.62 2.68
C GLY A 341 0.02 -15.41 3.10
N LEU A 342 0.37 -15.37 4.39
CA LEU A 342 1.63 -15.97 4.82
C LEU A 342 1.65 -17.47 4.51
N ASP A 343 0.54 -18.17 4.77
CA ASP A 343 0.50 -19.59 4.43
C ASP A 343 0.70 -19.80 2.94
N PHE A 344 0.15 -18.90 2.12
CA PHE A 344 0.38 -18.96 0.68
C PHE A 344 1.85 -18.83 0.35
N ALA A 345 2.53 -17.86 0.98
CA ALA A 345 3.96 -17.67 0.72
C ALA A 345 4.76 -18.87 1.18
N ARG A 346 4.43 -19.44 2.34
CA ARG A 346 5.13 -20.62 2.83
C ARG A 346 4.92 -21.80 1.90
N ALA A 347 3.70 -21.96 1.36
CA ALA A 347 3.45 -22.99 0.37
C ALA A 347 4.30 -22.78 -0.87
N VAL A 348 4.42 -21.52 -1.31
CA VAL A 348 5.28 -21.22 -2.46
C VAL A 348 6.71 -21.64 -2.16
N ALA A 349 7.21 -21.30 -0.96
CA ALA A 349 8.57 -21.65 -0.59
C ALA A 349 8.78 -23.16 -0.61
N LYS A 350 7.78 -23.91 -0.17
CA LYS A 350 7.80 -25.36 -0.24
C LYS A 350 7.58 -25.89 -1.65
N LEU A 351 7.32 -25.02 -2.61
CA LEU A 351 6.81 -25.40 -3.92
C LEU A 351 5.46 -26.11 -3.81
N GLY A 352 4.76 -25.88 -2.69
CA GLY A 352 3.38 -26.36 -2.60
C GLY A 352 2.50 -25.74 -3.65
N THR A 353 2.73 -24.46 -3.94
CA THR A 353 2.25 -23.87 -5.19
C THR A 353 3.14 -24.40 -6.31
N ASP A 354 2.53 -25.02 -7.30
CA ASP A 354 3.27 -25.87 -8.22
C ASP A 354 4.28 -25.06 -9.04
N ARG A 355 5.28 -25.77 -9.55
CA ARG A 355 6.27 -25.17 -10.43
C ARG A 355 5.64 -24.86 -11.78
N GLY A 356 6.47 -24.40 -12.71
CA GLY A 356 5.96 -23.89 -13.97
C GLY A 356 5.49 -22.47 -13.81
N VAL A 357 4.70 -22.20 -12.77
CA VAL A 357 4.46 -20.83 -12.34
C VAL A 357 5.75 -20.33 -11.70
N ARG A 358 6.42 -19.39 -12.39
CA ARG A 358 7.68 -18.87 -11.88
C ARG A 358 7.46 -18.04 -10.61
N ALA A 359 6.46 -17.18 -10.60
CA ALA A 359 6.26 -16.25 -9.50
C ALA A 359 4.78 -15.89 -9.40
N PHE A 360 4.41 -15.39 -8.23
CA PHE A 360 3.08 -14.85 -7.97
C PHE A 360 3.20 -13.38 -7.63
N GLN A 361 2.44 -12.54 -8.34
CA GLN A 361 2.34 -11.13 -8.02
C GLN A 361 1.23 -10.95 -6.99
N ARG A 362 1.60 -10.52 -5.78
CA ARG A 362 0.65 -10.41 -4.68
C ARG A 362 -0.09 -9.08 -4.76
N TYR A 363 -1.40 -9.14 -4.58
CA TYR A 363 -2.26 -7.96 -4.56
C TYR A 363 -3.15 -8.03 -3.33
N ALA A 364 -3.31 -6.89 -2.65
CA ALA A 364 -4.16 -6.79 -1.47
C ALA A 364 -5.28 -5.80 -1.73
N PHE A 365 -6.52 -6.23 -1.50
CA PHE A 365 -7.66 -5.32 -1.59
C PHE A 365 -7.76 -4.56 -0.28
N MET A 366 -7.22 -3.34 -0.26
CA MET A 366 -7.07 -2.54 0.95
C MET A 366 -8.07 -1.41 0.98
N MET A 367 -8.73 -1.22 2.11
CA MET A 367 -9.66 -0.11 2.31
C MET A 367 -8.85 1.14 2.64
N ARG A 368 -8.87 2.14 1.74
CA ARG A 368 -8.05 3.33 1.89
C ARG A 368 -8.69 4.32 2.87
N SER A 369 -8.86 3.86 4.10
CA SER A 369 -9.45 4.69 5.17
C SER A 369 -10.71 5.39 4.67
N GLY A 370 -11.58 4.62 4.04
CA GLY A 370 -12.80 5.17 3.46
C GLY A 370 -13.77 4.09 3.03
N LYS A 371 -14.56 4.38 1.99
CA LYS A 371 -15.64 3.50 1.55
C LYS A 371 -15.24 2.57 0.42
N ALA A 372 -13.98 2.58 -0.02
CA ALA A 372 -13.58 1.86 -1.22
C ALA A 372 -12.33 1.03 -0.98
N TYR A 373 -12.22 -0.05 -1.73
CA TYR A 373 -11.06 -0.95 -1.70
C TYR A 373 -10.25 -0.77 -2.99
N LEU A 374 -8.92 -0.78 -2.84
CA LEU A 374 -7.99 -0.70 -3.96
C LEU A 374 -7.10 -1.93 -3.98
N ALA A 375 -6.86 -2.45 -5.19
CA ALA A 375 -5.96 -3.59 -5.38
C ALA A 375 -4.52 -3.09 -5.39
N THR A 376 -3.93 -3.02 -4.21
CA THR A 376 -2.57 -2.52 -4.05
C THR A 376 -1.56 -3.63 -4.38
N PRO A 377 -0.61 -3.39 -5.28
CA PRO A 377 0.47 -4.35 -5.47
C PRO A 377 1.47 -4.30 -4.33
N LEU A 378 2.21 -5.39 -4.18
CA LEU A 378 3.19 -5.54 -3.12
C LEU A 378 4.49 -6.10 -3.68
N ASN A 379 5.61 -5.64 -3.13
CA ASN A 379 6.93 -6.10 -3.53
C ASN A 379 7.48 -7.07 -2.50
N ARG A 380 8.51 -7.80 -2.89
CA ARG A 380 8.82 -9.10 -2.31
C ARG A 380 10.00 -9.01 -1.35
N PHE A 381 9.84 -9.62 -0.17
CA PHE A 381 10.89 -9.73 0.83
C PHE A 381 10.90 -11.15 1.36
N HIS A 382 11.96 -11.49 2.11
CA HIS A 382 12.26 -12.88 2.41
C HIS A 382 12.60 -13.06 3.88
N VAL A 383 12.43 -14.28 4.37
CA VAL A 383 12.70 -14.63 5.75
C VAL A 383 14.21 -14.75 5.95
N HIS A 384 14.74 -14.05 6.95
CA HIS A 384 16.18 -14.07 7.21
C HIS A 384 16.42 -13.40 8.56
N ARG A 385 17.71 -13.27 8.90
CA ARG A 385 18.11 -12.66 10.16
C ARG A 385 17.65 -11.20 10.22
N ASN A 386 17.30 -10.75 11.42
CA ASN A 386 16.68 -9.45 11.61
C ASN A 386 16.78 -9.05 13.08
N PRO A 387 17.23 -7.83 13.41
CA PRO A 387 17.36 -7.47 14.82
C PRO A 387 16.01 -7.26 15.50
N LYS A 388 15.05 -6.62 14.83
CA LYS A 388 13.73 -6.45 15.43
C LYS A 388 13.00 -7.77 15.59
N ALA A 389 13.39 -8.80 14.80
CA ALA A 389 12.81 -10.12 14.99
C ALA A 389 13.04 -10.62 16.41
N ASP A 390 14.14 -10.21 17.05
CA ASP A 390 14.40 -10.63 18.42
C ASP A 390 13.26 -10.24 19.35
N LEU A 391 12.51 -9.19 19.00
CA LEU A 391 11.38 -8.78 19.83
C LEU A 391 10.43 -9.96 20.04
N ILE A 392 10.28 -10.81 19.02
CA ILE A 392 9.32 -11.91 19.08
C ILE A 392 9.67 -12.85 20.23
N ASP A 393 10.95 -12.95 20.57
CA ASP A 393 11.35 -13.83 21.68
C ASP A 393 10.58 -13.49 22.95
N GLN A 394 10.28 -12.20 23.16
CA GLN A 394 9.56 -11.82 24.37
C GLN A 394 8.16 -12.42 24.38
N LEU A 395 7.50 -12.47 23.22
CA LEU A 395 6.20 -13.13 23.14
C LEU A 395 6.30 -14.61 23.44
N GLU A 396 7.49 -15.21 23.29
CA GLU A 396 7.69 -16.61 23.64
C GLU A 396 7.95 -16.80 25.12
N ARG A 397 8.15 -15.72 25.88
CA ARG A 397 8.27 -15.86 27.33
C ARG A 397 7.00 -16.48 27.90
N GLY A 398 7.17 -17.30 28.93
CA GLY A 398 6.07 -18.03 29.51
C GLY A 398 5.29 -18.83 28.48
N ASP A 399 5.89 -19.01 27.30
CA ASP A 399 5.26 -19.73 26.19
C ASP A 399 3.94 -19.09 25.76
N TRP A 400 3.71 -17.81 26.08
CA TRP A 400 2.41 -17.22 25.82
C TRP A 400 1.95 -17.51 24.40
N LEU A 401 2.76 -17.13 23.42
CA LEU A 401 2.37 -17.30 22.02
C LEU A 401 1.90 -18.73 21.78
N ARG A 402 2.71 -19.70 22.19
CA ARG A 402 2.33 -21.09 21.97
C ARG A 402 0.96 -21.35 22.56
N ARG A 403 0.78 -20.99 23.83
CA ARG A 403 -0.51 -21.21 24.48
C ARG A 403 -1.62 -20.57 23.65
N PHE A 404 -1.45 -19.31 23.26
CA PHE A 404 -2.47 -18.66 22.46
C PHE A 404 -2.75 -19.47 21.20
N ARG A 405 -1.69 -19.85 20.49
CA ARG A 405 -1.88 -20.68 19.30
C ARG A 405 -2.58 -21.98 19.67
N ARG A 406 -2.17 -22.59 20.78
CA ARG A 406 -2.80 -23.85 21.19
C ARG A 406 -4.27 -23.64 21.44
N ALA A 407 -4.66 -22.47 21.95
CA ALA A 407 -6.07 -22.19 22.21
C ALA A 407 -6.84 -21.88 20.93
N ALA A 408 -6.15 -21.45 19.87
CA ALA A 408 -6.86 -20.84 18.75
C ALA A 408 -7.78 -21.84 18.06
N ARG A 409 -7.34 -23.09 17.91
CA ARG A 409 -8.15 -24.09 17.22
C ARG A 409 -9.51 -24.28 17.90
N SER A 410 -9.61 -24.02 19.20
CA SER A 410 -10.79 -24.39 19.96
C SER A 410 -12.04 -23.86 19.28
N THR A 411 -12.89 -24.78 18.80
CA THR A 411 -14.03 -24.40 17.97
C THR A 411 -15.11 -23.68 18.76
N HIS A 412 -15.12 -23.81 20.09
CA HIS A 412 -16.01 -22.97 20.89
C HIS A 412 -15.73 -21.50 20.63
N ALA A 413 -14.49 -21.17 20.27
CA ALA A 413 -14.19 -19.90 19.64
C ALA A 413 -14.42 -20.05 18.14
N PRO A 414 -15.31 -19.27 17.52
CA PRO A 414 -15.57 -19.45 16.09
C PRO A 414 -14.35 -19.21 15.22
N ALA A 415 -14.54 -19.31 13.90
CA ALA A 415 -13.46 -19.09 12.95
C ALA A 415 -12.68 -17.81 13.24
N ARG A 416 -13.28 -16.86 13.97
CA ARG A 416 -12.62 -15.58 14.20
C ARG A 416 -11.31 -15.75 14.96
N LEU A 417 -11.29 -16.58 16.00
CA LEU A 417 -10.05 -16.77 16.76
C LEU A 417 -8.96 -17.43 15.91
N GLN A 418 -9.34 -18.42 15.10
CA GLN A 418 -8.36 -19.06 14.22
C GLN A 418 -7.82 -18.05 13.21
N GLY A 419 -8.71 -17.21 12.66
CA GLY A 419 -8.26 -16.19 11.73
C GLY A 419 -7.32 -15.19 12.37
N LEU A 420 -7.62 -14.78 13.61
CA LEU A 420 -6.74 -13.86 14.31
C LEU A 420 -5.38 -14.50 14.56
N ALA A 421 -5.36 -15.78 14.93
CA ALA A 421 -4.08 -16.47 15.10
C ALA A 421 -3.29 -16.50 13.79
N HIS A 422 -3.97 -16.78 12.68
CA HIS A 422 -3.31 -16.77 11.39
C HIS A 422 -2.75 -15.39 11.07
N ARG A 423 -3.54 -14.35 11.32
CA ARG A 423 -3.09 -12.98 11.06
C ARG A 423 -1.87 -12.65 11.93
N LEU A 424 -1.88 -13.08 13.18
CA LEU A 424 -0.74 -12.82 14.05
C LEU A 424 0.52 -13.51 13.54
N ASP A 425 0.38 -14.76 13.09
CA ASP A 425 1.53 -15.45 12.51
C ASP A 425 2.04 -14.72 11.28
N ASP A 426 1.13 -14.25 10.42
CA ASP A 426 1.53 -13.49 9.25
C ASP A 426 2.26 -12.21 9.63
N ALA A 427 1.75 -11.49 10.62
CA ALA A 427 2.38 -10.24 11.04
C ALA A 427 3.76 -10.50 11.63
N LEU A 428 3.91 -11.58 12.40
CA LEU A 428 5.21 -11.90 12.96
C LEU A 428 6.21 -12.26 11.88
N PHE A 429 5.79 -13.05 10.89
CA PHE A 429 6.69 -13.39 9.79
C PHE A 429 7.06 -12.16 8.97
N ASP A 430 6.10 -11.25 8.77
CA ASP A 430 6.41 -9.99 8.09
C ASP A 430 7.41 -9.17 8.90
N LEU A 431 7.26 -9.15 10.22
CA LEU A 431 8.22 -8.45 11.06
C LEU A 431 9.61 -9.06 10.91
N VAL A 432 9.68 -10.38 10.81
CA VAL A 432 10.97 -11.03 10.57
C VAL A 432 11.53 -10.63 9.21
N ARG A 433 10.67 -10.56 8.20
CA ARG A 433 11.13 -10.28 6.84
C ARG A 433 11.63 -8.85 6.70
N VAL A 434 10.85 -7.88 7.20
CA VAL A 434 11.13 -6.47 7.00
C VAL A 434 11.11 -5.78 8.37
N ALA A 435 12.22 -5.14 8.72
CA ALA A 435 12.31 -4.36 9.96
C ALA A 435 11.75 -2.96 9.67
N ASP A 436 10.51 -2.74 10.08
CA ASP A 436 9.82 -1.49 9.78
C ASP A 436 8.86 -1.16 10.91
N PRO A 437 8.79 0.09 11.34
CA PRO A 437 7.88 0.43 12.46
C PRO A 437 6.43 0.05 12.20
N ARG A 438 5.98 0.11 10.94
CA ARG A 438 4.59 -0.25 10.65
C ARG A 438 4.35 -1.75 10.82
N ARG A 439 5.36 -2.58 10.59
CA ARG A 439 5.19 -4.01 10.87
C ARG A 439 5.11 -4.27 12.37
N VAL A 440 5.91 -3.57 13.16
CA VAL A 440 5.80 -3.67 14.61
C VAL A 440 4.42 -3.23 15.06
N GLN A 441 3.92 -2.13 14.49
CA GLN A 441 2.58 -1.66 14.79
C GLN A 441 1.53 -2.70 14.39
N GLU A 442 1.75 -3.39 13.27
CA GLU A 442 0.84 -4.44 12.84
C GLU A 442 0.78 -5.56 13.87
N VAL A 443 1.95 -6.00 14.34
CA VAL A 443 1.98 -7.05 15.36
C VAL A 443 1.26 -6.57 16.61
N LEU A 444 1.53 -5.35 17.04
CA LEU A 444 0.88 -4.81 18.24
C LEU A 444 -0.63 -4.69 18.06
N LYS A 445 -1.07 -4.30 16.86
CA LYS A 445 -2.50 -4.17 16.60
C LYS A 445 -3.19 -5.52 16.63
N VAL A 446 -2.56 -6.54 16.03
CA VAL A 446 -3.15 -7.87 16.07
C VAL A 446 -3.18 -8.39 17.51
N LEU A 447 -2.13 -8.09 18.28
CA LEU A 447 -2.12 -8.47 19.69
C LEU A 447 -3.24 -7.79 20.46
N GLY A 448 -3.48 -6.50 20.18
CA GLY A 448 -4.57 -5.80 20.83
C GLY A 448 -5.93 -6.37 20.46
N GLU A 449 -6.12 -6.69 19.18
CA GLU A 449 -7.38 -7.29 18.75
C GLU A 449 -7.57 -8.66 19.42
N VAL A 450 -6.50 -9.46 19.49
CA VAL A 450 -6.56 -10.73 20.19
C VAL A 450 -6.94 -10.51 21.65
N GLN A 451 -6.33 -9.53 22.30
CA GLN A 451 -6.60 -9.28 23.71
C GLN A 451 -8.06 -8.89 23.92
N PHE A 452 -8.59 -8.02 23.05
CA PHE A 452 -10.00 -7.63 23.14
C PHE A 452 -10.91 -8.85 22.97
N TYR A 453 -10.66 -9.64 21.92
CA TYR A 453 -11.47 -10.82 21.66
C TYR A 453 -11.43 -11.79 22.84
N LEU A 454 -10.23 -12.03 23.40
CA LEU A 454 -10.11 -12.91 24.55
C LEU A 454 -10.83 -12.33 25.76
N ALA A 455 -10.71 -11.01 25.96
CA ALA A 455 -11.40 -10.36 27.07
C ALA A 455 -12.89 -10.59 27.00
N LEU A 456 -13.44 -10.72 25.78
CA LEU A 456 -14.86 -10.98 25.64
C LEU A 456 -15.25 -12.43 25.90
N SER A 457 -14.29 -13.33 26.14
CA SER A 457 -14.57 -14.76 26.31
C SER A 457 -13.94 -15.29 27.59
N PRO A 458 -14.73 -15.50 28.65
CA PRO A 458 -14.15 -16.05 29.90
C PRO A 458 -13.46 -17.40 29.71
N SER A 459 -14.06 -18.29 28.92
CA SER A 459 -13.48 -19.63 28.75
C SER A 459 -12.09 -19.53 28.14
N LEU A 460 -11.91 -18.64 27.16
CA LEU A 460 -10.58 -18.42 26.60
C LEU A 460 -9.67 -17.73 27.61
N ARG A 461 -10.23 -16.85 28.45
CA ARG A 461 -9.42 -16.21 29.47
C ARG A 461 -8.81 -17.23 30.42
N GLU A 462 -9.52 -18.34 30.67
CA GLU A 462 -8.98 -19.36 31.56
C GLU A 462 -7.81 -20.12 30.94
N GLN A 463 -7.76 -20.20 29.61
CA GLN A 463 -6.88 -21.16 28.95
C GLN A 463 -5.44 -20.65 28.76
N VAL A 464 -5.18 -19.37 28.93
CA VAL A 464 -3.84 -18.81 28.74
C VAL A 464 -3.43 -18.07 30.00
N ARG A 465 -2.24 -18.35 30.49
CA ARG A 465 -1.74 -17.74 31.72
C ARG A 465 -1.40 -16.27 31.50
N PRO A 466 -1.20 -15.52 32.57
CA PRO A 466 -0.92 -14.08 32.42
C PRO A 466 0.31 -13.83 31.54
N VAL A 467 0.24 -12.72 30.81
CA VAL A 467 1.21 -12.38 29.77
C VAL A 467 2.58 -12.13 30.40
N PRO A 468 3.68 -12.49 29.75
CA PRO A 468 5.01 -12.13 30.26
C PRO A 468 5.27 -10.64 30.09
N ARG A 469 6.34 -10.19 30.74
CA ARG A 469 6.81 -8.82 30.55
C ARG A 469 7.56 -8.71 29.23
N LEU A 470 7.18 -7.74 28.42
CA LEU A 470 7.92 -7.37 27.22
C LEU A 470 8.80 -6.16 27.52
N ASP A 471 9.80 -5.94 26.68
CA ASP A 471 10.77 -4.89 26.90
C ASP A 471 10.41 -3.65 26.09
N ALA A 472 10.85 -2.49 26.59
CA ALA A 472 10.48 -1.21 26.00
C ALA A 472 10.85 -1.09 24.52
N HIS A 473 11.68 -2.00 23.99
CA HIS A 473 12.12 -1.87 22.62
C HIS A 473 10.97 -2.03 21.62
N TRP A 474 9.92 -2.76 21.99
CA TRP A 474 8.73 -2.81 21.13
C TRP A 474 8.20 -1.41 20.88
N VAL A 475 7.95 -0.66 21.96
CA VAL A 475 7.40 0.69 21.83
C VAL A 475 8.34 1.56 21.00
N GLU A 476 9.62 1.57 21.35
CA GLU A 476 10.58 2.39 20.62
C GLU A 476 10.61 2.02 19.14
N ALA A 477 10.36 0.77 18.81
CA ALA A 477 10.28 0.39 17.41
C ALA A 477 8.84 0.60 16.96
N ALA A 478 7.88 0.61 17.89
CA ALA A 478 6.50 0.82 17.54
C ALA A 478 6.26 2.29 17.21
N ARG A 479 5.00 2.67 17.05
CA ARG A 479 4.71 4.04 16.64
C ARG A 479 5.10 5.11 17.63
N ASP A 480 5.67 6.21 17.15
CA ASP A 480 5.96 7.36 18.01
C ASP A 480 5.56 8.54 17.15
N ASP A 481 5.09 9.63 17.75
CA ASP A 481 4.79 10.82 16.96
C ASP A 481 4.77 12.05 17.85
N SER A 482 5.58 12.02 18.90
CA SER A 482 5.63 13.14 19.80
C SER A 482 6.64 14.18 19.31
N HIS A 483 6.95 15.19 20.12
CA HIS A 483 7.95 16.18 19.75
C HIS A 483 9.27 15.48 19.45
N GLU A 484 9.64 14.52 20.30
CA GLU A 484 10.81 13.70 20.05
C GLU A 484 10.74 13.06 18.68
N PHE A 485 9.59 12.48 18.33
CA PHE A 485 9.47 11.79 17.06
C PHE A 485 9.56 12.75 15.89
N ARG A 486 8.93 13.93 15.99
CA ARG A 486 8.98 14.86 14.87
C ARG A 486 10.38 15.40 14.65
N VAL A 487 11.10 15.72 15.74
CA VAL A 487 12.50 16.11 15.59
C VAL A 487 13.32 14.98 14.99
N ALA A 488 13.09 13.75 15.46
CA ALA A 488 13.85 12.61 14.95
C ALA A 488 13.59 12.37 13.47
N ALA A 489 12.33 12.48 13.05
CA ALA A 489 11.98 12.27 11.65
C ALA A 489 12.53 13.39 10.78
N ALA A 490 12.52 14.63 11.29
CA ALA A 490 13.12 15.73 10.57
C ALA A 490 14.61 15.46 10.33
N LEU A 491 15.32 15.05 11.38
CA LEU A 491 16.75 14.79 11.23
C LEU A 491 17.00 13.57 10.33
N ALA A 492 16.13 12.57 10.41
CA ALA A 492 16.31 11.35 9.62
C ALA A 492 15.89 11.51 8.17
N GLY A 493 14.86 12.33 7.90
CA GLY A 493 14.29 12.39 6.58
C GLY A 493 14.97 13.35 5.63
N LEU A 494 16.30 13.30 5.58
CA LEU A 494 17.04 14.14 4.64
C LEU A 494 16.89 13.58 3.23
N ASP A 495 16.83 14.48 2.25
CA ASP A 495 16.56 14.06 0.88
C ASP A 495 17.47 14.74 -0.14
N ASP A 496 18.62 15.26 0.28
CA ASP A 496 19.63 15.72 -0.68
C ASP A 496 20.45 14.53 -1.16
N GLY A 497 19.78 13.52 -1.67
CA GLY A 497 20.43 12.29 -2.10
C GLY A 497 20.81 11.42 -0.93
N LEU A 498 21.76 11.89 -0.12
CA LEU A 498 22.26 11.10 1.00
C LEU A 498 21.22 10.99 2.10
N PRO A 499 20.78 9.79 2.48
CA PRO A 499 19.99 9.67 3.71
C PRO A 499 20.87 9.82 4.94
N MET A 500 20.22 10.14 6.06
CA MET A 500 20.94 10.28 7.32
C MET A 500 21.66 8.99 7.71
N GLY A 501 21.19 7.85 7.19
CA GLY A 501 21.82 6.58 7.53
C GLY A 501 23.32 6.58 7.30
N VAL A 502 23.78 7.21 6.22
CA VAL A 502 25.20 7.19 5.88
C VAL A 502 26.05 7.71 7.03
N HIS A 503 25.45 8.42 7.98
CA HIS A 503 26.16 8.88 9.18
C HIS A 503 25.94 7.95 10.36
N LEU A 504 24.71 7.47 10.55
CA LEU A 504 24.38 6.65 11.71
C LEU A 504 24.73 5.18 11.53
N ALA A 505 25.01 4.75 10.31
CA ALA A 505 25.16 3.33 10.01
C ALA A 505 25.93 3.18 8.71
N PRO A 506 26.41 1.97 8.39
CA PRO A 506 27.09 1.75 7.11
C PRO A 506 26.11 1.70 5.94
N ILE A 507 25.76 2.87 5.41
CA ILE A 507 24.66 3.00 4.45
C ILE A 507 25.11 3.84 3.25
N ASP A 508 24.43 3.63 2.14
CA ASP A 508 24.57 4.40 0.92
C ASP A 508 23.19 4.63 0.34
N PRO A 509 22.95 5.78 -0.31
CA PRO A 509 21.59 6.07 -0.80
C PRO A 509 21.04 5.04 -1.77
N VAL A 510 21.89 4.29 -2.47
CA VAL A 510 21.40 3.43 -3.55
C VAL A 510 20.57 2.28 -3.00
N LYS A 511 20.97 1.71 -1.87
CA LYS A 511 20.30 0.56 -1.27
C LYS A 511 19.94 0.93 0.17
N ARG A 512 18.73 1.44 0.37
CA ARG A 512 18.35 2.06 1.63
C ARG A 512 17.87 1.08 2.68
N ASN A 513 17.69 -0.20 2.35
CA ASN A 513 17.33 -1.23 3.33
C ASN A 513 18.10 -2.51 3.07
N VAL A 514 19.40 -2.39 2.80
CA VAL A 514 20.25 -3.52 2.46
C VAL A 514 21.63 -3.26 3.06
N TRP A 515 22.49 -4.29 2.98
CA TRP A 515 23.92 -4.10 3.23
C TRP A 515 24.47 -3.34 2.03
N ALA A 516 24.30 -2.02 2.10
CA ALA A 516 24.42 -1.15 0.94
C ALA A 516 25.87 -0.95 0.52
N PRO A 517 26.09 -0.32 -0.64
CA PRO A 517 27.44 0.14 -0.97
C PRO A 517 27.90 1.21 0.00
N GLU A 518 29.11 1.74 -0.20
CA GLU A 518 29.75 2.61 0.78
C GLU A 518 29.47 4.07 0.49
N SER A 519 28.82 4.75 1.43
CA SER A 519 28.81 6.20 1.52
C SER A 519 29.44 6.54 2.86
N ARG A 520 30.66 7.04 2.83
CA ARG A 520 31.56 6.98 3.99
C ARG A 520 31.48 8.30 4.78
N LEU A 521 30.37 8.44 5.52
CA LEU A 521 30.15 9.58 6.40
C LEU A 521 29.76 9.14 7.81
N ALA A 522 30.12 7.93 8.22
CA ALA A 522 29.57 7.30 9.42
C ALA A 522 30.35 7.74 10.65
N VAL A 523 30.02 8.93 11.15
CA VAL A 523 30.74 9.53 12.28
C VAL A 523 29.81 9.78 13.46
N TRP A 524 28.77 8.96 13.63
CA TRP A 524 27.83 9.17 14.71
C TRP A 524 28.39 8.63 16.03
N GLY A 525 27.72 8.99 17.13
CA GLY A 525 28.17 8.60 18.46
C GLY A 525 27.05 8.21 19.42
N GLN A 526 27.26 8.44 20.71
CA GLN A 526 26.39 7.91 21.76
C GLN A 526 25.72 9.03 22.54
N GLY A 527 24.78 8.62 23.41
CA GLY A 527 24.33 9.44 24.50
C GLY A 527 23.67 10.74 24.06
N ASN A 528 23.95 11.80 24.81
CA ASN A 528 23.32 13.09 24.54
C ASN A 528 23.58 13.52 23.10
N LEU A 529 22.54 14.09 22.49
CA LEU A 529 22.41 14.13 21.04
C LEU A 529 23.19 15.26 20.38
N SER A 530 23.49 16.35 21.10
CA SER A 530 23.99 17.55 20.44
C SER A 530 25.35 17.32 19.79
N ASP A 531 26.27 16.66 20.49
CA ASP A 531 27.62 16.48 19.96
C ASP A 531 27.61 15.66 18.68
N ASN A 532 26.80 14.61 18.64
CA ASN A 532 26.74 13.76 17.44
C ASN A 532 26.17 14.53 16.26
N LEU A 533 25.15 15.36 16.51
CA LEU A 533 24.62 16.20 15.45
C LEU A 533 25.68 17.20 14.96
N ALA A 534 26.46 17.77 15.87
CA ALA A 534 27.55 18.66 15.45
C ALA A 534 28.54 17.93 14.56
N GLN A 535 28.88 16.69 14.94
CA GLN A 535 29.79 15.90 14.11
C GLN A 535 29.19 15.64 12.73
N VAL A 536 27.89 15.34 12.68
CA VAL A 536 27.22 15.10 11.41
C VAL A 536 27.26 16.36 10.55
N LEU A 537 27.03 17.52 11.17
CA LEU A 537 27.08 18.78 10.44
C LEU A 537 28.48 19.00 9.85
N GLN A 538 29.51 18.77 10.67
CA GLN A 538 30.88 18.95 10.17
C GLN A 538 31.17 17.99 9.01
N ARG A 539 30.74 16.73 9.14
CA ARG A 539 31.01 15.78 8.07
C ARG A 539 30.21 16.10 6.82
N ARG A 540 28.99 16.62 6.98
CA ARG A 540 28.21 17.02 5.82
C ARG A 540 28.83 18.22 5.12
N LEU A 541 29.35 19.18 5.89
CA LEU A 541 30.04 20.31 5.29
C LEU A 541 31.29 19.85 4.55
N LEU A 542 32.06 18.94 5.15
CA LEU A 542 33.24 18.42 4.48
C LEU A 542 32.88 17.67 3.20
N THR A 543 31.83 16.85 3.25
CA THR A 543 31.39 16.13 2.07
C THR A 543 30.89 17.08 1.00
N ALA A 544 30.19 18.13 1.40
CA ALA A 544 29.73 19.13 0.44
C ALA A 544 30.92 19.83 -0.23
N SER A 545 31.96 20.13 0.56
CA SER A 545 33.14 20.77 -0.01
C SER A 545 33.87 19.83 -0.97
N ARG A 546 33.96 18.55 -0.62
CA ARG A 546 34.69 17.61 -1.47
C ARG A 546 33.91 17.26 -2.73
N THR A 547 32.60 17.01 -2.61
CA THR A 547 31.73 17.04 -3.77
C THR A 547 31.63 18.44 -4.35
N ASP A 548 32.01 19.46 -3.58
CA ASP A 548 31.88 20.86 -3.96
C ASP A 548 30.42 21.26 -4.10
N LEU A 549 29.56 20.64 -3.31
CA LEU A 549 28.18 21.12 -3.13
C LEU A 549 28.22 22.43 -2.35
N ASN A 550 27.99 23.55 -3.04
CA ASN A 550 27.94 24.82 -2.32
C ASN A 550 26.73 24.87 -1.40
N ASP A 551 25.56 24.46 -1.90
CA ASP A 551 24.37 24.38 -1.08
C ASP A 551 24.45 23.14 -0.21
N LYS A 552 24.49 23.33 1.11
CA LYS A 552 24.71 22.23 2.02
C LYS A 552 23.62 21.18 1.85
N PRO A 553 23.95 19.89 1.79
CA PRO A 553 22.91 18.86 1.69
C PRO A 553 22.21 18.67 3.03
N LEU A 554 21.28 19.58 3.35
CA LEU A 554 20.65 19.61 4.68
C LEU A 554 19.14 19.74 4.60
N SER A 555 18.53 19.51 3.45
CA SER A 555 17.09 19.59 3.32
C SER A 555 16.44 18.29 3.78
N GLY A 556 15.35 18.42 4.52
CA GLY A 556 14.61 17.26 5.00
C GLY A 556 13.13 17.43 4.73
N ARG A 557 12.45 16.28 4.55
CA ARG A 557 11.08 16.29 4.07
C ARG A 557 10.15 15.46 4.96
N CYS A 558 10.54 15.21 6.21
CA CYS A 558 9.65 14.78 7.27
C CYS A 558 9.91 15.69 8.45
N PRO A 559 9.58 16.97 8.32
CA PRO A 559 10.18 17.99 9.19
C PRO A 559 9.57 18.03 10.58
N ALA A 560 10.25 18.78 11.44
CA ALA A 560 9.76 19.12 12.77
C ALA A 560 8.90 20.37 12.67
N ASP A 561 8.61 20.99 13.81
CA ASP A 561 7.84 22.23 13.83
C ASP A 561 8.46 23.17 14.85
N GLU A 562 8.09 24.46 14.75
CA GLU A 562 8.62 25.45 15.68
C GLU A 562 8.39 25.02 17.12
N GLY A 563 7.26 24.38 17.40
CA GLY A 563 7.01 23.89 18.74
C GLY A 563 7.98 22.79 19.16
N ALA A 564 8.25 21.84 18.25
CA ALA A 564 9.19 20.78 18.56
C ALA A 564 10.60 21.34 18.77
N VAL A 565 11.01 22.27 17.91
CA VAL A 565 12.32 22.90 18.07
C VAL A 565 12.40 23.64 19.39
N ALA A 566 11.35 24.35 19.76
CA ALA A 566 11.34 25.07 21.02
C ALA A 566 11.42 24.10 22.20
N ALA A 567 10.67 23.00 22.13
CA ALA A 567 10.73 22.00 23.20
C ALA A 567 12.14 21.43 23.34
N PHE A 568 12.81 21.21 22.20
CA PHE A 568 14.20 20.78 22.26
C PHE A 568 15.09 21.84 22.90
N LEU A 569 14.95 23.10 22.45
CA LEU A 569 15.81 24.17 22.95
C LEU A 569 15.51 24.53 24.40
N ALA A 570 14.24 24.44 24.80
CA ALA A 570 13.84 24.92 26.12
C ALA A 570 14.48 24.10 27.25
N GLY A 571 15.05 22.94 26.95
CA GLY A 571 15.67 22.12 27.97
C GLY A 571 14.75 21.10 28.59
N ASP A 572 13.74 20.63 27.86
CA ASP A 572 12.68 19.80 28.45
C ASP A 572 12.44 18.53 27.65
N ALA A 573 12.73 18.56 26.35
CA ALA A 573 12.51 17.38 25.53
C ALA A 573 13.57 16.31 25.81
N ASP A 574 13.20 15.07 25.51
CA ASP A 574 14.06 13.91 25.79
C ASP A 574 15.03 13.72 24.63
N GLU A 575 16.30 14.04 24.86
CA GLU A 575 17.30 13.92 23.80
C GLU A 575 17.55 12.47 23.43
N ARG A 576 17.70 11.59 24.43
CA ARG A 576 18.11 10.22 24.14
C ARG A 576 17.08 9.50 23.28
N ARG A 577 15.79 9.69 23.60
CA ARG A 577 14.75 9.08 22.78
C ARG A 577 14.78 9.64 21.36
N ILE A 578 15.07 10.93 21.21
CA ILE A 578 15.21 11.51 19.88
C ILE A 578 16.32 10.80 19.12
N ALA A 579 17.48 10.61 19.77
CA ALA A 579 18.60 9.97 19.11
C ALA A 579 18.24 8.55 18.67
N GLU A 580 17.64 7.78 19.59
CA GLU A 580 17.28 6.39 19.26
C GLU A 580 16.26 6.34 18.14
N LEU A 581 15.25 7.22 18.19
CA LEU A 581 14.22 7.23 17.15
C LEU A 581 14.81 7.62 15.80
N MET A 582 15.71 8.60 15.78
CA MET A 582 16.35 8.98 14.53
C MET A 582 17.17 7.84 13.96
N ALA A 583 17.92 7.14 14.82
CA ALA A 583 18.70 6.01 14.36
C ALA A 583 17.80 4.93 13.78
N GLY A 584 16.67 4.66 14.43
CA GLY A 584 15.74 3.66 13.92
C GLY A 584 15.11 4.09 12.60
N LEU A 585 14.68 5.35 12.50
CA LEU A 585 14.03 5.84 11.30
C LEU A 585 14.98 5.85 10.11
N ALA A 586 16.28 6.06 10.35
CA ALA A 586 17.26 6.05 9.27
C ALA A 586 17.52 4.66 8.69
N CYS A 587 16.84 3.62 9.17
CA CYS A 587 17.25 2.25 8.84
C CYS A 587 16.85 1.83 7.43
N ALA A 588 15.68 2.25 6.94
CA ALA A 588 15.06 1.61 5.79
C ALA A 588 14.60 2.64 4.77
N ARG A 589 14.13 2.11 3.64
CA ARG A 589 13.46 2.94 2.64
C ARG A 589 12.28 3.66 3.29
N LEU A 590 12.30 4.98 3.25
CA LEU A 590 11.34 5.76 4.02
C LEU A 590 9.95 5.61 3.43
N PRO A 591 8.92 5.34 4.24
CA PRO A 591 7.57 5.17 3.71
C PRO A 591 6.96 6.51 3.30
N ALA A 592 5.83 6.43 2.62
CA ALA A 592 5.13 7.63 2.17
C ALA A 592 4.96 8.61 3.33
N ARG A 593 4.20 8.20 4.35
CA ARG A 593 4.18 8.89 5.63
C ARG A 593 3.34 8.11 6.63
N LEU A 594 3.71 8.20 7.90
CA LEU A 594 2.98 7.53 8.96
C LEU A 594 1.77 8.37 9.39
N PRO A 595 0.82 7.78 10.12
CA PRO A 595 -0.31 8.58 10.58
C PRO A 595 0.12 9.60 11.62
N LEU A 596 0.20 10.86 11.22
CA LEU A 596 0.74 11.90 12.10
C LEU A 596 -0.33 12.39 13.06
N ARG A 597 0.04 12.47 14.34
CA ARG A 597 -0.88 12.85 15.40
C ARG A 597 -0.06 13.67 16.40
N GLN A 598 -0.11 15.00 16.25
CA GLN A 598 0.88 15.90 16.80
C GLN A 598 0.49 16.35 18.21
N ARG A 599 1.33 17.22 18.79
CA ARG A 599 1.19 17.69 20.16
C ARG A 599 1.67 19.13 20.24
N GLY A 600 1.34 19.78 21.36
CA GLY A 600 1.47 21.23 21.44
C GLY A 600 2.89 21.71 21.68
N ALA A 601 3.11 22.96 21.31
CA ALA A 601 4.43 23.58 21.34
C ALA A 601 4.83 23.97 22.76
N SER A 602 6.14 24.17 22.95
CA SER A 602 6.71 24.68 24.19
C SER A 602 6.97 26.18 24.03
N GLU A 603 6.24 27.00 24.78
CA GLU A 603 6.48 28.44 24.78
C GLU A 603 5.83 29.07 25.99
N ALA A 604 6.64 29.61 26.90
CA ALA A 604 6.14 30.51 27.95
C ALA A 604 7.28 31.48 28.26
N SER A 605 7.29 32.60 27.56
CA SER A 605 8.37 33.58 27.68
C SER A 605 9.73 32.91 27.72
N SER A 606 9.87 31.80 27.00
CA SER A 606 11.07 30.96 27.08
C SER A 606 11.48 30.48 25.69
N LEU A 607 11.52 31.39 24.72
CA LEU A 607 11.93 31.06 23.37
C LEU A 607 12.83 32.16 22.81
N PRO A 608 14.13 31.94 22.65
CA PRO A 608 15.06 33.04 22.36
C PRO A 608 15.02 33.51 20.92
N MET A 609 15.69 34.65 20.70
CA MET A 609 15.88 35.26 19.38
C MET A 609 17.19 34.84 18.72
N ILE A 610 18.17 34.40 19.51
CA ILE A 610 19.49 34.06 18.96
C ILE A 610 19.36 32.96 17.92
N TYR A 611 18.46 32.00 18.16
CA TYR A 611 18.21 30.96 17.17
C TYR A 611 17.76 31.57 15.85
N ALA A 612 16.86 32.54 15.90
CA ALA A 612 16.41 33.19 14.67
C ALA A 612 17.54 33.97 14.01
N LEU A 613 18.41 34.57 14.81
CA LEU A 613 19.55 35.31 14.24
C LEU A 613 20.49 34.39 13.50
N LEU A 614 20.74 33.19 14.04
CA LEU A 614 21.73 32.30 13.45
C LEU A 614 21.18 31.37 12.38
N LYS A 615 19.89 31.00 12.45
CA LYS A 615 19.34 29.99 11.55
C LYS A 615 19.54 30.33 10.07
N PRO A 616 19.35 31.57 9.61
CA PRO A 616 19.50 31.83 8.17
C PRO A 616 20.89 31.52 7.63
N LEU A 617 21.90 31.42 8.48
CA LEU A 617 23.23 31.04 8.01
C LEU A 617 23.34 29.55 7.69
N PHE A 618 22.46 28.72 8.23
CA PHE A 618 22.54 27.26 8.10
C PHE A 618 21.62 26.71 7.02
N VAL A 619 20.37 27.17 6.98
CA VAL A 619 19.33 26.60 6.13
C VAL A 619 19.87 26.34 4.73
N PRO A 620 19.43 25.28 4.04
CA PRO A 620 19.86 25.08 2.65
C PRO A 620 19.64 26.33 1.83
N ASP A 621 20.67 26.72 1.08
CA ASP A 621 20.64 27.98 0.35
C ASP A 621 19.40 28.07 -0.53
N ALA A 622 19.10 27.03 -1.31
CA ALA A 622 17.84 27.03 -2.06
C ALA A 622 16.70 27.57 -1.21
N GLN A 623 16.53 26.97 -0.02
CA GLN A 623 15.45 27.36 0.88
C GLN A 623 15.63 28.81 1.34
N LEU A 624 16.85 29.15 1.75
CA LEU A 624 17.14 30.49 2.22
C LEU A 624 16.83 31.51 1.18
N ARG A 625 17.24 31.22 -0.04
CA ARG A 625 17.03 32.14 -1.12
C ARG A 625 15.54 32.27 -1.24
N GLU A 626 14.81 31.17 -1.11
CA GLU A 626 13.37 31.28 -1.11
C GLU A 626 12.99 32.16 0.07
N ALA A 627 13.68 32.00 1.19
CA ALA A 627 13.44 32.80 2.39
C ALA A 627 13.84 34.26 2.24
N ALA A 628 13.16 35.16 2.95
CA ALA A 628 13.45 36.59 2.84
C ALA A 628 14.85 37.01 3.27
N VAL A 629 15.37 36.44 4.34
CA VAL A 629 16.69 36.82 4.90
C VAL A 629 17.67 37.64 4.04
N LEU A 630 18.23 38.71 4.61
CA LEU A 630 19.13 39.62 3.92
C LEU A 630 20.38 38.91 3.40
N THR A 631 20.74 37.76 4.00
CA THR A 631 21.96 37.06 3.66
C THR A 631 22.00 36.68 2.18
N PRO A 632 23.21 36.52 1.60
CA PRO A 632 23.32 36.22 0.17
C PRO A 632 22.50 35.03 -0.29
N ASP A 633 22.24 34.94 -1.60
CA ASP A 633 21.51 33.82 -2.17
C ASP A 633 22.47 32.73 -2.67
N GLY A 634 23.45 33.12 -3.50
CA GLY A 634 24.48 32.20 -3.93
C GLY A 634 24.95 31.30 -2.82
N CYS A 635 25.00 29.99 -3.09
CA CYS A 635 25.11 29.02 -2.02
C CYS A 635 26.46 29.12 -1.31
N LEU A 636 26.54 28.49 -0.14
CA LEU A 636 27.65 28.68 0.78
C LEU A 636 27.90 27.47 1.67
N PRO A 637 29.14 26.96 1.75
CA PRO A 637 29.52 26.15 2.92
C PRO A 637 29.58 27.04 4.15
N LEU A 638 28.85 26.66 5.20
CA LEU A 638 28.59 27.49 6.36
C LEU A 638 29.82 28.31 6.74
N PRO A 639 29.67 29.58 7.09
CA PRO A 639 30.84 30.44 7.34
C PRO A 639 31.89 29.71 8.16
N PRO A 640 33.16 29.79 7.76
CA PRO A 640 34.17 28.80 8.20
C PRO A 640 34.11 28.39 9.68
N ALA A 641 34.18 29.36 10.58
CA ALA A 641 34.46 29.07 11.99
C ALA A 641 33.22 28.93 12.86
N LEU A 642 32.01 29.07 12.30
CA LEU A 642 30.83 29.24 13.14
C LEU A 642 30.55 28.03 14.03
N PRO A 643 30.51 26.80 13.52
CA PRO A 643 30.19 25.67 14.43
C PRO A 643 31.15 25.52 15.58
N ARG A 644 32.45 25.72 15.34
CA ARG A 644 33.43 25.61 16.42
C ARG A 644 33.21 26.69 17.47
N LEU A 645 32.92 27.91 17.04
CA LEU A 645 32.64 28.98 17.98
C LEU A 645 31.41 28.64 18.82
N LEU A 646 30.35 28.16 18.18
CA LEU A 646 29.16 27.77 18.93
C LEU A 646 29.50 26.70 19.96
N ARG A 647 30.32 25.71 19.56
CA ARG A 647 30.72 24.66 20.47
C ARG A 647 31.69 25.14 21.55
N ALA A 648 32.21 26.36 21.44
CA ALA A 648 33.16 26.89 22.41
C ALA A 648 32.51 27.54 23.64
N GLY A 649 31.19 27.44 23.78
CA GLY A 649 30.54 27.88 25.00
C GLY A 649 29.97 29.29 24.94
N PRO A 650 29.49 29.80 26.09
CA PRO A 650 28.82 31.11 26.08
C PRO A 650 29.67 32.22 25.48
N ALA A 651 30.96 32.28 25.82
CA ALA A 651 31.84 33.24 25.15
C ALA A 651 31.92 32.93 23.67
N GLY A 652 32.01 31.64 23.33
CA GLY A 652 31.98 31.25 21.93
C GLY A 652 30.67 31.64 21.26
N VAL A 653 29.56 31.54 21.99
CA VAL A 653 28.28 31.95 21.43
C VAL A 653 28.25 33.46 21.17
N GLY A 654 28.81 34.24 22.10
CA GLY A 654 28.91 35.68 21.87
C GLY A 654 29.75 36.00 20.64
N ARG A 655 30.89 35.32 20.50
CA ARG A 655 31.71 35.51 19.31
C ARG A 655 30.96 35.10 18.04
N ALA A 656 30.22 34.00 18.11
CA ALA A 656 29.46 33.55 16.95
C ALA A 656 28.39 34.56 16.58
N VAL A 657 27.74 35.17 17.58
CA VAL A 657 26.74 36.19 17.30
C VAL A 657 27.38 37.42 16.67
N ASP A 658 28.54 37.83 17.18
CA ASP A 658 29.25 38.96 16.56
C ASP A 658 29.62 38.65 15.12
N LEU A 659 30.10 37.43 14.87
CA LEU A 659 30.47 37.04 13.50
C LEU A 659 29.24 37.01 12.60
N ALA A 660 28.12 36.48 13.08
CA ALA A 660 26.90 36.46 12.29
C ALA A 660 26.42 37.87 11.99
N ARG A 661 26.51 38.77 12.98
CA ARG A 661 26.15 40.16 12.73
C ARG A 661 27.03 40.77 11.65
N ARG A 662 28.34 40.55 11.74
CA ARG A 662 29.26 41.12 10.76
C ARG A 662 28.98 40.58 9.36
N ARG A 663 28.72 39.28 9.25
CA ARG A 663 28.40 38.70 7.95
C ARG A 663 27.07 39.22 7.40
N ARG A 664 26.05 39.31 8.25
CA ARG A 664 24.76 39.77 7.78
C ARG A 664 24.76 41.26 7.43
N ARG A 665 25.63 42.04 8.08
CA ARG A 665 25.88 43.40 7.60
C ARG A 665 26.42 43.36 6.18
N ALA A 666 27.38 42.48 5.92
CA ALA A 666 27.94 42.31 4.59
C ALA A 666 26.91 41.67 3.66
N ASP A 682 23.06 29.33 24.77
CA ASP A 682 24.37 28.68 24.86
C ASP A 682 24.54 27.73 23.67
N GLY A 683 25.76 27.24 23.48
CA GLY A 683 26.20 26.72 22.20
C GLY A 683 25.65 25.39 21.71
N GLY A 684 26.03 24.28 22.34
CA GLY A 684 25.91 22.98 21.68
C GLY A 684 24.48 22.64 21.30
N ARG A 685 23.57 22.78 22.26
CA ARG A 685 22.16 22.53 21.95
C ARG A 685 21.65 23.48 20.88
N LEU A 686 22.17 24.72 20.88
CA LEU A 686 21.79 25.68 19.85
C LEU A 686 22.21 25.22 18.47
N LEU A 687 23.43 24.69 18.34
CA LEU A 687 23.88 24.14 17.06
C LEU A 687 23.00 22.96 16.63
N ALA A 688 22.79 22.01 17.53
CA ALA A 688 21.94 20.87 17.20
C ALA A 688 20.57 21.33 16.73
N ALA A 689 19.98 22.32 17.42
CA ALA A 689 18.69 22.84 16.99
C ALA A 689 18.78 23.53 15.64
N LEU A 690 19.90 24.21 15.37
CA LEU A 690 20.09 24.86 14.09
C LEU A 690 20.12 23.86 12.95
N MET A 691 20.49 22.61 13.24
CA MET A 691 20.48 21.60 12.18
C MET A 691 19.06 21.14 11.80
N ILE A 692 18.08 21.34 12.66
CA ILE A 692 16.77 20.68 12.46
C ILE A 692 16.13 21.18 11.18
N PRO A 693 15.65 20.30 10.29
CA PRO A 693 14.89 20.77 9.12
C PRO A 693 13.50 21.24 9.52
N VAL A 694 13.10 22.39 8.96
CA VAL A 694 11.75 22.92 9.07
C VAL A 694 11.48 23.77 7.83
N GLU A 695 10.21 24.08 7.60
CA GLU A 695 9.81 24.69 6.33
C GLU A 695 9.91 26.21 6.39
N ILE A 696 9.69 26.82 5.21
CA ILE A 696 10.08 28.21 4.98
C ILE A 696 9.25 29.19 5.79
N ARG A 697 7.98 28.85 6.08
CA ARG A 697 7.12 29.78 6.80
C ARG A 697 7.71 30.12 8.17
N VAL A 698 8.38 29.17 8.83
CA VAL A 698 9.01 29.45 10.10
C VAL A 698 10.12 30.48 9.92
N ILE A 699 10.91 30.35 8.85
CA ILE A 699 11.97 31.32 8.57
C ILE A 699 11.37 32.70 8.32
N LYS A 700 10.25 32.75 7.59
CA LYS A 700 9.57 34.03 7.38
C LYS A 700 9.12 34.64 8.71
N GLY A 701 8.57 33.80 9.59
CA GLY A 701 8.21 34.29 10.91
C GLY A 701 9.41 34.86 11.66
N PHE A 702 10.53 34.15 11.62
CA PHE A 702 11.75 34.66 12.22
C PHE A 702 12.10 36.04 11.66
N ILE A 703 12.13 36.15 10.32
CA ILE A 703 12.54 37.40 9.68
C ILE A 703 11.61 38.53 10.09
N LYS A 704 10.32 38.25 10.18
CA LYS A 704 9.37 39.29 10.61
C LYS A 704 9.70 39.79 12.01
N ARG A 705 10.04 38.89 12.92
CA ARG A 705 10.42 39.28 14.28
C ARG A 705 11.75 40.03 14.26
#